data_1G0D
#
_entry.id   1G0D
#
_cell.length_a   97.800
_cell.length_b   97.800
_cell.length_c   455.500
_cell.angle_alpha   90.00
_cell.angle_beta   90.00
_cell.angle_gamma   120.00
#
_symmetry.space_group_name_H-M   'P 65 2 2'
#
loop_
_entity.id
_entity.type
_entity.pdbx_description
1 polymer 'PROTEIN-GLUTAMINE GAMMA-GLUTAMYLTRANSFERASE'
2 non-polymer 'SULFATE ION'
3 water water
#
_entity_poly.entity_id   1
_entity_poly.type   'polypeptide(L)'
_entity_poly.pdbx_seq_one_letter_code
;MASYKGLIVDVNGRSHENNLAHRTREIDRERLIVRRGQPFSITLQCSDSLPPKHHLELVLHLGKRDEVVIKVQKEHGARD
KWWFNQQGAQDEILLTLHSPANAVIGHYRLAVLVMSPDGHIVERADKISFHMLFNPWCRDDMVYLPDESKLQEYVMNEDG
VIYMGTWDYIRSIPWNYGQFEDYVMDICFEVLDNSPAALKNSEMDIEHRSDPVYVGRTITAMVNSNGDRGVLTGRWEEPY
TDGVAPYRWTGSVPILQQWSKAGVRPVKYGQCWVFAAVACTVLRCLGIPTRPITNFASAHDVDGNLSVDFLLNERLESLD
SRQRSDSSWNFHCWVESWMSREDLPEGNDGWQVLDPTPQELSDGEFCCGPCPVAAIKEGNLGVKYDAPFVFAEVNADTIY
WIVQKDGQRRKITEDHASVGKNISTKSVYGNHREDVTLHYKYPEGSQKEREVYKKAGRRVTEPSNEIAEQGRLQLSIKHA
QPVFGTDFDVIVEVKNEGGRDAHAQLTMLAMAVTYNSLRRGECQRKTISVTVPAHKAHKEVMRLHYDDYVRCVSEHHLIR
VKALLDAPGENGPIMTVANIPLSTPELLVQVPGKAVVWEPLTAYVSFTNPLPVPLKGGVFTLEGAGLLSATQIHVNGAVA
PSGKVSVKLSFSPMRTGVRKLLVDFDSDRLKDVKGVTTVVVHKKYRSLITGLHTD
;
_entity_poly.pdbx_strand_id   A
#
loop_
_chem_comp.id
_chem_comp.type
_chem_comp.name
_chem_comp.formula
SO4 non-polymer 'SULFATE ION' 'O4 S -2'
#
# COMPACT_ATOMS: atom_id res chain seq x y z
N GLY A 6 -11.48 39.36 32.18
CA GLY A 6 -12.59 38.57 32.84
C GLY A 6 -13.84 38.36 31.98
N LEU A 7 -13.79 38.82 30.74
CA LEU A 7 -14.93 38.70 29.87
C LEU A 7 -15.14 37.35 29.21
N ILE A 8 -14.07 36.66 28.79
CA ILE A 8 -14.23 35.37 28.10
C ILE A 8 -14.74 34.24 28.98
N VAL A 9 -15.89 33.70 28.64
CA VAL A 9 -16.42 32.64 29.47
C VAL A 9 -16.07 31.27 28.88
N ASP A 10 -16.02 31.17 27.56
CA ASP A 10 -15.62 29.92 26.93
C ASP A 10 -15.43 30.09 25.44
N VAL A 11 -14.35 29.54 24.92
CA VAL A 11 -14.09 29.60 23.52
C VAL A 11 -14.80 28.39 22.90
N ASN A 12 -15.37 28.56 21.70
CA ASN A 12 -16.12 27.50 21.02
C ASN A 12 -15.56 27.31 19.63
N GLY A 13 -14.98 26.13 19.37
CA GLY A 13 -14.36 25.82 18.10
C GLY A 13 -15.30 25.45 16.99
N ARG A 14 -16.57 25.28 17.33
CA ARG A 14 -17.58 24.90 16.37
C ARG A 14 -17.04 23.77 15.48
N SER A 15 -16.67 22.65 16.10
CA SER A 15 -16.12 21.53 15.36
C SER A 15 -17.09 20.74 14.52
N HIS A 16 -18.34 20.65 14.95
CA HIS A 16 -19.32 19.91 14.16
C HIS A 16 -19.47 20.58 12.78
N GLU A 17 -19.36 21.90 12.80
CA GLU A 17 -19.51 22.72 11.62
C GLU A 17 -18.22 22.85 10.81
N ASN A 18 -17.15 23.28 11.47
CA ASN A 18 -15.87 23.44 10.79
C ASN A 18 -15.44 22.12 10.20
N ASN A 19 -15.58 21.07 10.99
CA ASN A 19 -15.20 19.71 10.59
C ASN A 19 -15.98 19.22 9.39
N LEU A 20 -17.24 19.67 9.26
CA LEU A 20 -18.07 19.26 8.14
C LEU A 20 -17.52 19.94 6.90
N ALA A 21 -17.19 21.22 7.05
CA ALA A 21 -16.67 22.01 5.95
C ALA A 21 -15.26 21.61 5.51
N HIS A 22 -14.50 21.04 6.43
CA HIS A 22 -13.16 20.67 6.08
C HIS A 22 -13.00 19.18 5.75
N ARG A 23 -14.11 18.47 5.64
CA ARG A 23 -14.03 17.04 5.31
C ARG A 23 -13.16 16.28 6.30
N THR A 24 -13.34 16.57 7.59
CA THR A 24 -12.56 15.91 8.63
C THR A 24 -13.48 15.36 9.73
N ARG A 25 -14.79 15.51 9.59
CA ARG A 25 -15.71 15.05 10.63
C ARG A 25 -15.89 13.56 10.78
N GLU A 26 -15.42 12.75 9.82
CA GLU A 26 -15.51 11.29 9.92
C GLU A 26 -14.57 10.86 11.06
N ILE A 27 -13.47 11.60 11.18
CA ILE A 27 -12.44 11.41 12.20
C ILE A 27 -13.00 11.72 13.60
N ASP A 28 -13.63 12.87 13.81
CA ASP A 28 -14.18 13.28 15.11
C ASP A 28 -15.01 14.58 14.96
N ARG A 29 -16.09 14.71 15.74
CA ARG A 29 -16.97 15.88 15.73
C ARG A 29 -16.78 16.77 16.93
N GLU A 30 -16.32 16.16 18.02
CA GLU A 30 -16.12 16.87 19.26
C GLU A 30 -14.81 17.64 19.34
N ARG A 31 -13.89 17.43 18.40
CA ARG A 31 -12.66 18.21 18.41
C ARG A 31 -12.41 18.82 17.04
N LEU A 32 -11.92 20.06 17.04
CA LEU A 32 -11.67 20.79 15.80
C LEU A 32 -10.51 20.23 15.00
N ILE A 33 -10.82 19.64 13.85
CA ILE A 33 -9.81 19.09 12.93
C ILE A 33 -10.06 19.82 11.60
N VAL A 34 -9.10 20.63 11.23
CA VAL A 34 -9.16 21.52 10.08
C VAL A 34 -8.16 21.22 8.94
N ARG A 35 -8.39 21.67 7.72
CA ARG A 35 -7.43 21.47 6.61
C ARG A 35 -6.85 22.86 6.23
N ARG A 36 -5.61 22.93 5.75
CA ARG A 36 -4.95 24.22 5.43
C ARG A 36 -5.39 25.00 4.22
N GLY A 37 -5.22 26.31 4.26
CA GLY A 37 -5.59 27.14 3.15
C GLY A 37 -7.08 27.45 3.09
N GLN A 38 -7.83 26.90 4.04
CA GLN A 38 -9.29 27.07 4.15
C GLN A 38 -9.61 27.66 5.54
N PRO A 39 -10.40 28.73 5.57
CA PRO A 39 -10.74 29.36 6.85
C PRO A 39 -11.63 28.57 7.76
N PHE A 40 -11.54 28.85 9.06
CA PHE A 40 -12.40 28.20 10.03
C PHE A 40 -12.92 29.24 11.05
N SER A 41 -14.15 29.08 11.54
CA SER A 41 -14.72 30.06 12.49
C SER A 41 -15.05 29.50 13.85
N ILE A 42 -14.58 30.18 14.88
CA ILE A 42 -14.79 29.77 16.26
C ILE A 42 -15.39 30.98 16.95
N THR A 43 -15.94 30.81 18.15
CA THR A 43 -16.51 31.96 18.85
C THR A 43 -15.99 32.13 20.28
N LEU A 44 -15.98 33.36 20.73
CA LEU A 44 -15.56 33.70 22.08
C LEU A 44 -16.84 34.09 22.76
N GLN A 45 -17.36 33.27 23.68
CA GLN A 45 -18.57 33.68 24.41
C GLN A 45 -18.14 34.60 25.54
N CYS A 46 -18.58 35.85 25.48
CA CYS A 46 -18.22 36.84 26.48
C CYS A 46 -19.30 37.11 27.55
N SER A 47 -18.84 37.64 28.68
CA SER A 47 -19.73 37.92 29.79
C SER A 47 -20.19 39.36 29.64
N ASP A 48 -19.39 40.18 28.98
CA ASP A 48 -19.81 41.54 28.72
C ASP A 48 -19.20 42.21 27.50
N SER A 49 -18.09 42.91 27.62
CA SER A 49 -17.57 43.61 26.45
C SER A 49 -16.11 43.91 26.49
N LEU A 50 -15.53 44.00 25.31
CA LEU A 50 -14.12 44.31 25.23
C LEU A 50 -13.92 45.70 25.83
N PRO A 51 -13.22 45.75 26.96
CA PRO A 51 -12.97 47.04 27.62
C PRO A 51 -12.46 48.04 26.59
N PRO A 52 -13.15 49.17 26.43
CA PRO A 52 -12.85 50.26 25.51
C PRO A 52 -11.58 50.22 24.66
N LYS A 53 -10.42 50.51 25.25
CA LYS A 53 -9.20 50.51 24.47
C LYS A 53 -8.48 49.15 24.47
N HIS A 54 -9.25 48.10 24.68
CA HIS A 54 -8.74 46.73 24.70
C HIS A 54 -9.02 46.03 23.36
N HIS A 55 -8.06 45.24 22.90
CA HIS A 55 -8.25 44.56 21.63
C HIS A 55 -7.82 43.11 21.72
N LEU A 56 -8.24 42.28 20.77
CA LEU A 56 -7.85 40.85 20.77
C LEU A 56 -6.53 40.62 20.03
N GLU A 57 -5.80 39.61 20.50
CA GLU A 57 -4.52 39.21 19.95
C GLU A 57 -4.54 37.68 19.86
N LEU A 58 -4.02 37.13 18.77
CA LEU A 58 -4.02 35.68 18.61
C LEU A 58 -2.65 35.10 18.31
N VAL A 59 -2.23 34.12 19.10
CA VAL A 59 -0.96 33.47 18.83
C VAL A 59 -1.10 31.96 18.87
N LEU A 60 -0.47 31.31 17.89
CA LEU A 60 -0.51 29.87 17.75
C LEU A 60 0.75 29.18 18.26
N HIS A 61 0.59 27.99 18.83
CA HIS A 61 1.74 27.24 19.34
C HIS A 61 1.74 25.85 18.77
N LEU A 62 2.92 25.45 18.29
CA LEU A 62 3.13 24.14 17.69
C LEU A 62 4.32 23.46 18.40
N GLY A 63 4.21 22.15 18.66
CA GLY A 63 5.30 21.46 19.29
C GLY A 63 5.11 21.31 20.77
N LYS A 64 5.58 20.17 21.29
CA LYS A 64 5.46 19.81 22.71
C LYS A 64 6.22 20.76 23.61
N ARG A 65 7.08 21.57 23.02
CA ARG A 65 7.85 22.54 23.76
C ARG A 65 7.84 23.86 23.02
N ASP A 66 6.73 24.18 22.37
CA ASP A 66 6.63 25.42 21.61
C ASP A 66 7.75 25.59 20.60
N GLU A 67 8.19 24.49 20.02
CA GLU A 67 9.22 24.53 19.00
C GLU A 67 8.83 25.65 17.98
N VAL A 68 7.55 25.88 17.78
CA VAL A 68 7.17 26.94 16.86
C VAL A 68 5.95 27.76 17.33
N VAL A 69 6.07 29.08 17.28
CA VAL A 69 4.98 29.95 17.66
C VAL A 69 4.66 31.03 16.62
N ILE A 70 3.38 31.07 16.21
CA ILE A 70 2.97 31.98 15.20
C ILE A 70 2.02 33.01 15.75
N LYS A 71 2.34 34.29 15.53
CA LYS A 71 1.44 35.36 15.97
C LYS A 71 0.59 35.65 14.76
N VAL A 72 -0.70 35.33 14.84
CA VAL A 72 -1.63 35.55 13.73
C VAL A 72 -2.03 37.04 13.48
N GLN A 73 -1.83 37.51 12.23
CA GLN A 73 -2.15 38.88 11.78
C GLN A 73 -3.58 39.34 12.06
N LYS A 74 -3.77 40.65 12.14
CA LYS A 74 -5.07 41.22 12.44
C LYS A 74 -6.03 41.32 11.27
N GLU A 75 -5.48 41.33 10.06
CA GLU A 75 -6.33 41.34 8.89
C GLU A 75 -5.55 41.17 7.61
N HIS A 76 -6.05 41.79 6.55
CA HIS A 76 -5.45 41.77 5.20
C HIS A 76 -4.03 41.24 5.38
N GLY A 77 -3.89 39.94 5.52
CA GLY A 77 -2.56 39.37 5.75
C GLY A 77 -1.85 39.02 4.45
N ALA A 78 -0.64 38.52 4.52
CA ALA A 78 0.09 38.09 3.30
C ALA A 78 -0.72 36.96 2.67
N ARG A 79 -0.12 36.03 1.99
CA ARG A 79 -0.89 34.95 1.38
C ARG A 79 -0.45 33.68 2.08
N ASP A 80 0.82 33.68 2.44
CA ASP A 80 1.39 32.57 3.15
C ASP A 80 1.43 32.97 4.64
N LYS A 81 0.68 34.01 4.97
CA LYS A 81 0.61 34.49 6.34
C LYS A 81 -0.70 34.11 6.99
N TRP A 82 -0.66 33.68 8.24
CA TRP A 82 -1.88 33.34 8.99
C TRP A 82 -2.54 34.68 9.36
N TRP A 83 -3.87 34.75 9.39
CA TRP A 83 -4.53 36.00 9.79
C TRP A 83 -5.98 35.72 10.14
N PHE A 84 -6.59 36.64 10.89
CA PHE A 84 -7.97 36.45 11.30
C PHE A 84 -8.86 37.65 11.13
N ASN A 85 -10.14 37.39 11.07
CA ASN A 85 -11.08 38.48 10.94
C ASN A 85 -11.96 38.32 12.17
N GLN A 86 -12.25 39.42 12.82
CA GLN A 86 -13.06 39.35 14.01
C GLN A 86 -14.35 40.12 13.83
N GLN A 87 -15.48 39.57 14.28
CA GLN A 87 -16.73 40.33 14.21
C GLN A 87 -17.68 39.95 15.32
N GLY A 88 -18.41 40.93 15.82
CA GLY A 88 -19.31 40.65 16.90
C GLY A 88 -20.64 40.09 16.45
N ALA A 89 -21.13 39.13 17.20
CA ALA A 89 -22.40 38.54 16.90
C ALA A 89 -23.33 39.14 17.93
N GLN A 90 -23.56 38.42 19.00
CA GLN A 90 -24.43 39.04 19.98
C GLN A 90 -23.59 39.22 21.21
N ASP A 91 -23.62 38.22 22.07
CA ASP A 91 -22.84 38.28 23.28
C ASP A 91 -21.56 37.48 23.11
N GLU A 92 -21.22 37.15 21.85
CA GLU A 92 -20.00 36.44 21.51
C GLU A 92 -19.23 37.07 20.33
N ILE A 93 -17.93 36.80 20.23
CA ILE A 93 -17.14 37.34 19.13
C ILE A 93 -16.78 36.20 18.16
N LEU A 94 -17.15 36.37 16.89
CA LEU A 94 -16.90 35.39 15.83
C LEU A 94 -15.50 35.65 15.29
N LEU A 95 -14.63 34.66 15.41
CA LEU A 95 -13.26 34.80 14.98
C LEU A 95 -13.04 33.83 13.84
N THR A 96 -12.81 34.35 12.64
CA THR A 96 -12.56 33.48 11.49
C THR A 96 -11.06 33.44 11.26
N LEU A 97 -10.45 32.28 11.47
CA LEU A 97 -9.01 32.13 11.28
C LEU A 97 -8.77 31.74 9.86
N HIS A 98 -7.81 32.41 9.24
CA HIS A 98 -7.40 32.14 7.85
C HIS A 98 -5.96 31.59 7.87
N SER A 99 -5.74 30.41 7.34
CA SER A 99 -4.41 29.84 7.40
C SER A 99 -3.84 29.80 6.01
N PRO A 100 -2.51 29.92 5.87
CA PRO A 100 -1.93 29.87 4.52
C PRO A 100 -2.04 28.44 3.97
N ALA A 101 -1.94 28.30 2.66
CA ALA A 101 -2.00 26.98 2.03
C ALA A 101 -0.65 26.23 2.22
N ASN A 102 0.35 26.89 2.82
CA ASN A 102 1.62 26.24 3.08
C ASN A 102 1.75 26.02 4.59
N ALA A 103 0.62 26.08 5.29
CA ALA A 103 0.63 25.89 6.72
C ALA A 103 1.25 24.53 7.16
N VAL A 104 1.92 24.53 8.32
CA VAL A 104 2.52 23.33 8.88
C VAL A 104 1.41 22.46 9.44
N ILE A 105 1.34 21.20 9.03
CA ILE A 105 0.31 20.32 9.58
C ILE A 105 0.71 19.97 11.02
N GLY A 106 -0.26 19.72 11.88
CA GLY A 106 0.12 19.40 13.24
C GLY A 106 -0.95 19.74 14.23
N HIS A 107 -0.65 19.55 15.51
CA HIS A 107 -1.60 19.84 16.56
C HIS A 107 -1.27 21.18 17.15
N TYR A 108 -2.08 22.19 16.82
CA TYR A 108 -1.86 23.55 17.29
C TYR A 108 -2.61 23.82 18.57
N ARG A 109 -2.14 24.78 19.34
CA ARG A 109 -2.84 25.15 20.56
C ARG A 109 -3.00 26.62 20.41
N LEU A 110 -4.25 27.09 20.44
CA LEU A 110 -4.57 28.50 20.25
C LEU A 110 -4.76 29.33 21.48
N ALA A 111 -3.98 30.40 21.55
CA ALA A 111 -4.06 31.32 22.65
C ALA A 111 -4.67 32.67 22.23
N VAL A 112 -5.91 32.94 22.62
CA VAL A 112 -6.53 34.23 22.32
C VAL A 112 -6.25 35.21 23.51
N LEU A 113 -5.48 36.27 23.26
CA LEU A 113 -5.15 37.24 24.31
C LEU A 113 -5.95 38.53 24.21
N VAL A 114 -6.46 39.01 25.34
CA VAL A 114 -7.16 40.29 25.39
C VAL A 114 -6.14 41.24 26.00
N MET A 115 -5.88 42.37 25.36
CA MET A 115 -4.89 43.27 25.91
C MET A 115 -5.18 44.72 26.04
N SER A 116 -4.49 45.32 27.02
CA SER A 116 -4.56 46.73 27.33
C SER A 116 -4.00 47.49 26.13
N PRO A 117 -4.41 48.76 25.92
CA PRO A 117 -3.89 49.51 24.78
C PRO A 117 -2.41 49.87 24.88
N ASP A 118 -1.79 49.62 26.03
CA ASP A 118 -0.37 49.93 26.26
C ASP A 118 0.60 48.81 25.87
N GLY A 119 0.07 47.60 25.79
CA GLY A 119 0.87 46.45 25.42
C GLY A 119 0.89 45.34 26.45
N HIS A 120 -0.12 45.29 27.31
CA HIS A 120 -0.11 44.22 28.29
C HIS A 120 -1.38 43.41 28.36
N ILE A 121 -1.18 42.10 28.46
CA ILE A 121 -2.24 41.10 28.53
C ILE A 121 -3.09 41.29 29.77
N VAL A 122 -4.35 41.63 29.53
CA VAL A 122 -5.29 41.86 30.60
C VAL A 122 -6.03 40.57 30.96
N GLU A 123 -5.91 39.59 30.08
CA GLU A 123 -6.58 38.32 30.31
C GLU A 123 -6.24 37.42 29.17
N ARG A 124 -6.19 36.13 29.43
CA ARG A 124 -5.92 35.20 28.36
C ARG A 124 -6.94 34.07 28.43
N ALA A 125 -7.55 33.76 27.29
CA ALA A 125 -8.55 32.71 27.25
C ALA A 125 -7.92 31.35 27.22
N ASP A 126 -8.71 30.34 27.59
CA ASP A 126 -8.27 28.95 27.59
C ASP A 126 -7.71 28.52 26.23
N LYS A 127 -6.48 28.02 26.24
CA LYS A 127 -5.83 27.58 25.01
C LYS A 127 -6.53 26.32 24.47
N ILE A 128 -7.22 26.44 23.35
CA ILE A 128 -7.89 25.29 22.74
C ILE A 128 -7.02 24.79 21.61
N SER A 129 -7.04 23.50 21.40
CA SER A 129 -6.19 22.98 20.36
C SER A 129 -6.97 22.45 19.18
N PHE A 130 -6.27 22.26 18.08
CA PHE A 130 -6.88 21.76 16.87
C PHE A 130 -5.78 21.10 16.02
N HIS A 131 -6.19 20.29 15.04
CA HIS A 131 -5.23 19.63 14.18
C HIS A 131 -5.34 20.17 12.76
N MET A 132 -4.22 20.21 12.07
CA MET A 132 -4.21 20.71 10.71
C MET A 132 -3.64 19.66 9.74
N LEU A 133 -4.40 19.38 8.69
CA LEU A 133 -4.05 18.40 7.65
C LEU A 133 -3.79 19.07 6.28
N PHE A 134 -3.38 18.29 5.30
CA PHE A 134 -3.11 18.78 3.96
C PHE A 134 -4.48 19.05 3.31
N ASN A 135 -4.55 19.96 2.35
CA ASN A 135 -5.82 20.31 1.69
C ASN A 135 -5.77 20.19 0.19
N PRO A 136 -6.00 18.99 -0.37
CA PRO A 136 -5.98 18.83 -1.82
C PRO A 136 -7.17 19.45 -2.54
N TRP A 137 -8.10 20.04 -1.79
CA TRP A 137 -9.23 20.69 -2.42
C TRP A 137 -9.00 22.18 -2.55
N CYS A 138 -7.96 22.69 -1.88
CA CYS A 138 -7.61 24.10 -1.92
C CYS A 138 -6.62 24.35 -3.04
N ARG A 139 -7.00 25.17 -4.00
CA ARG A 139 -6.15 25.40 -5.16
C ARG A 139 -4.78 25.90 -4.99
N ASP A 140 -4.46 26.47 -3.85
CA ASP A 140 -3.10 26.94 -3.66
C ASP A 140 -2.23 25.93 -2.93
N ASP A 141 -2.83 24.84 -2.47
CA ASP A 141 -2.08 23.82 -1.75
C ASP A 141 -1.28 22.99 -2.75
N MET A 142 -0.05 22.63 -2.39
CA MET A 142 0.77 21.83 -3.27
C MET A 142 0.18 20.45 -3.56
N VAL A 143 -0.66 19.91 -2.68
CA VAL A 143 -1.29 18.61 -2.95
C VAL A 143 -2.62 18.74 -3.74
N TYR A 144 -2.92 19.95 -4.20
CA TYR A 144 -4.12 20.20 -4.96
C TYR A 144 -4.31 19.26 -6.14
N LEU A 145 -5.46 18.59 -6.18
CA LEU A 145 -5.84 17.67 -7.26
C LEU A 145 -7.18 18.23 -7.77
N PRO A 146 -7.21 18.78 -8.99
CA PRO A 146 -8.40 19.39 -9.62
C PRO A 146 -9.46 18.51 -10.20
N ASP A 147 -9.94 17.55 -9.40
CA ASP A 147 -10.98 16.61 -9.77
C ASP A 147 -11.52 15.97 -8.50
N GLU A 148 -12.67 16.46 -8.04
CA GLU A 148 -13.29 16.01 -6.81
C GLU A 148 -13.59 14.54 -6.79
N SER A 149 -13.82 13.96 -7.95
CA SER A 149 -14.13 12.53 -7.96
C SER A 149 -12.91 11.63 -7.63
N LYS A 150 -11.72 12.15 -7.88
CA LYS A 150 -10.51 11.38 -7.63
C LYS A 150 -10.06 11.59 -6.20
N LEU A 151 -10.42 12.72 -5.62
CA LEU A 151 -10.05 12.99 -4.24
C LEU A 151 -10.91 12.13 -3.32
N GLN A 152 -12.08 11.77 -3.80
CA GLN A 152 -13.00 10.95 -3.03
C GLN A 152 -12.45 9.56 -2.87
N GLU A 153 -11.79 9.07 -3.92
CA GLU A 153 -11.19 7.75 -3.90
C GLU A 153 -9.82 7.78 -3.26
N TYR A 154 -8.98 8.71 -3.73
CA TYR A 154 -7.63 8.84 -3.22
C TYR A 154 -7.39 9.51 -1.88
N VAL A 155 -8.43 10.13 -1.29
CA VAL A 155 -8.29 10.72 0.05
C VAL A 155 -9.43 10.24 0.94
N MET A 156 -10.66 10.39 0.49
CA MET A 156 -11.80 10.02 1.29
C MET A 156 -12.23 8.57 1.37
N ASN A 157 -11.89 7.75 0.40
CA ASN A 157 -12.30 6.36 0.47
C ASN A 157 -11.47 5.55 1.48
N GLU A 158 -12.14 4.80 2.35
CA GLU A 158 -11.42 4.03 3.37
C GLU A 158 -11.27 2.54 3.04
N ASP A 159 -11.89 2.13 1.94
CA ASP A 159 -11.84 0.75 1.52
C ASP A 159 -11.19 0.68 0.17
N GLY A 160 -10.14 -0.11 0.08
CA GLY A 160 -9.44 -0.25 -1.18
C GLY A 160 -9.33 -1.69 -1.60
N VAL A 161 -8.59 -1.93 -2.66
CA VAL A 161 -8.37 -3.25 -3.16
C VAL A 161 -6.91 -3.24 -3.58
N ILE A 162 -6.12 -4.20 -3.12
CA ILE A 162 -4.72 -4.25 -3.54
C ILE A 162 -4.58 -5.49 -4.44
N TYR A 163 -4.01 -5.34 -5.62
CA TYR A 163 -3.88 -6.50 -6.52
C TYR A 163 -2.66 -7.39 -6.18
N MET A 164 -2.82 -8.69 -6.41
CA MET A 164 -1.77 -9.65 -6.10
C MET A 164 -1.88 -10.79 -7.04
N GLY A 165 -1.15 -11.86 -6.74
CA GLY A 165 -1.14 -13.04 -7.58
C GLY A 165 0.00 -12.98 -8.58
N THR A 166 -0.27 -13.34 -9.84
CA THR A 166 0.73 -13.29 -10.90
C THR A 166 0.12 -12.46 -12.03
N TRP A 167 0.95 -11.90 -12.90
CA TRP A 167 0.43 -11.01 -13.96
C TRP A 167 -0.55 -11.62 -14.91
N ASP A 168 -0.54 -12.95 -15.02
CA ASP A 168 -1.46 -13.65 -15.92
C ASP A 168 -2.62 -14.22 -15.11
N TYR A 169 -2.57 -14.06 -13.81
CA TYR A 169 -3.59 -14.60 -12.94
C TYR A 169 -3.64 -13.70 -11.70
N ILE A 170 -4.24 -12.51 -11.90
CA ILE A 170 -4.38 -11.47 -10.87
C ILE A 170 -5.52 -11.69 -9.88
N ARG A 171 -5.24 -11.55 -8.60
CA ARG A 171 -6.25 -11.70 -7.59
C ARG A 171 -6.34 -10.37 -6.80
N SER A 172 -7.50 -10.13 -6.18
CA SER A 172 -7.69 -8.91 -5.43
C SER A 172 -7.92 -9.18 -3.98
N ILE A 173 -7.32 -8.35 -3.13
CA ILE A 173 -7.63 -8.49 -1.74
C ILE A 173 -8.07 -7.13 -1.27
N PRO A 174 -9.28 -7.10 -0.70
CA PRO A 174 -9.83 -5.87 -0.16
C PRO A 174 -8.98 -5.44 1.04
N TRP A 175 -8.93 -4.14 1.34
CA TRP A 175 -8.18 -3.64 2.49
C TRP A 175 -8.95 -2.53 3.18
N ASN A 176 -8.98 -2.56 4.51
CA ASN A 176 -9.67 -1.51 5.22
C ASN A 176 -8.61 -0.48 5.63
N TYR A 177 -8.49 0.59 4.86
CA TYR A 177 -7.48 1.60 5.18
C TYR A 177 -7.82 2.24 6.51
N GLY A 178 -9.11 2.28 6.82
CA GLY A 178 -9.57 2.88 8.07
C GLY A 178 -8.90 4.17 8.52
N GLN A 179 -8.60 5.11 7.62
CA GLN A 179 -7.95 6.35 8.06
C GLN A 179 -8.80 7.25 8.96
N PHE A 180 -10.11 7.04 8.97
CA PHE A 180 -10.98 7.87 9.82
C PHE A 180 -11.52 7.16 11.06
N GLU A 181 -10.94 5.99 11.35
CA GLU A 181 -11.32 5.18 12.52
C GLU A 181 -10.76 5.88 13.72
N ASP A 182 -11.31 5.64 14.89
CA ASP A 182 -10.84 6.40 16.02
C ASP A 182 -9.39 6.39 16.30
N TYR A 183 -8.87 7.61 16.47
CA TYR A 183 -7.48 7.87 16.83
C TYR A 183 -6.39 7.60 15.80
N VAL A 184 -6.76 7.09 14.64
CA VAL A 184 -5.76 6.83 13.63
C VAL A 184 -5.07 8.14 13.21
N MET A 185 -5.75 9.28 13.37
CA MET A 185 -5.15 10.53 13.00
C MET A 185 -4.07 10.86 14.03
N ASP A 186 -4.38 10.65 15.29
CA ASP A 186 -3.43 10.95 16.34
C ASP A 186 -2.16 10.12 16.24
N ILE A 187 -2.31 8.86 15.83
CA ILE A 187 -1.17 7.97 15.66
C ILE A 187 -0.36 8.38 14.44
N CYS A 188 -1.02 8.92 13.43
CA CYS A 188 -0.31 9.35 12.24
C CYS A 188 0.70 10.42 12.64
N PHE A 189 0.30 11.42 13.43
CA PHE A 189 1.22 12.48 13.91
C PHE A 189 2.25 11.92 14.88
N GLU A 190 1.96 10.76 15.48
CA GLU A 190 2.88 10.09 16.41
C GLU A 190 4.02 9.45 15.61
N VAL A 191 3.70 8.94 14.43
CA VAL A 191 4.70 8.35 13.57
C VAL A 191 5.65 9.48 13.14
N LEU A 192 5.11 10.68 12.94
CA LEU A 192 5.95 11.79 12.52
C LEU A 192 6.80 12.24 13.71
N ASP A 193 6.25 12.08 14.92
CA ASP A 193 6.94 12.50 16.14
C ASP A 193 8.05 11.59 16.65
N ASN A 194 8.08 10.37 16.14
CA ASN A 194 9.07 9.39 16.57
C ASN A 194 10.13 9.12 15.54
N SER A 195 10.17 9.98 14.53
CA SER A 195 11.16 9.79 13.50
C SER A 195 12.48 10.37 13.96
N PRO A 196 13.57 9.88 13.38
CA PRO A 196 14.91 10.34 13.70
C PRO A 196 15.04 11.86 13.73
N ALA A 197 14.46 12.49 12.74
CA ALA A 197 14.54 13.94 12.61
C ALA A 197 13.86 14.67 13.74
N ALA A 198 12.70 14.16 14.14
CA ALA A 198 11.94 14.78 15.19
C ALA A 198 12.66 14.57 16.52
N LEU A 199 13.35 13.42 16.64
CA LEU A 199 14.06 13.14 17.87
C LEU A 199 15.35 13.99 17.95
N LYS A 200 16.06 14.04 16.83
CA LYS A 200 17.29 14.80 16.72
C LYS A 200 17.05 16.29 16.89
N ASN A 201 16.21 16.85 16.03
CA ASN A 201 15.86 18.26 16.10
C ASN A 201 14.36 18.45 15.85
N SER A 202 13.60 18.53 16.95
CA SER A 202 12.15 18.67 16.96
C SER A 202 11.57 19.88 16.22
N GLU A 203 12.15 21.05 16.48
CA GLU A 203 11.75 22.32 15.88
C GLU A 203 11.97 22.40 14.36
N MET A 204 13.14 22.01 13.91
CA MET A 204 13.40 22.01 12.48
C MET A 204 12.44 21.03 11.81
N ASP A 205 12.23 19.86 12.42
CA ASP A 205 11.31 18.87 11.87
C ASP A 205 9.91 19.46 11.76
N ILE A 206 9.46 20.18 12.79
CA ILE A 206 8.12 20.77 12.72
C ILE A 206 8.05 21.77 11.57
N GLU A 207 9.09 22.53 11.42
CA GLU A 207 9.10 23.52 10.37
C GLU A 207 9.04 22.90 8.99
N HIS A 208 9.43 21.63 8.88
CA HIS A 208 9.43 20.95 7.59
C HIS A 208 8.14 20.21 7.29
N ARG A 209 7.25 20.16 8.29
CA ARG A 209 6.00 19.46 8.16
C ARG A 209 4.97 20.12 7.23
N SER A 210 5.33 21.23 6.62
CA SER A 210 4.43 21.91 5.70
C SER A 210 4.63 21.41 4.28
N ASP A 211 5.63 20.57 4.12
CA ASP A 211 6.02 20.06 2.84
C ASP A 211 5.52 18.66 2.52
N PRO A 212 4.67 18.52 1.51
CA PRO A 212 4.24 17.15 1.27
C PRO A 212 5.38 16.19 0.88
N VAL A 213 6.46 16.70 0.25
CA VAL A 213 7.61 15.87 -0.18
C VAL A 213 8.33 15.32 1.04
N TYR A 214 8.60 16.19 2.00
CA TYR A 214 9.27 15.83 3.23
C TYR A 214 8.43 14.85 4.06
N VAL A 215 7.18 15.18 4.31
CA VAL A 215 6.31 14.32 5.08
C VAL A 215 6.05 12.96 4.40
N GLY A 216 6.01 12.95 3.07
CA GLY A 216 5.79 11.72 2.35
C GLY A 216 7.02 10.84 2.45
N ARG A 217 8.20 11.45 2.33
CA ARG A 217 9.45 10.72 2.45
C ARG A 217 9.64 10.22 3.91
N THR A 218 9.17 11.00 4.88
CA THR A 218 9.28 10.59 6.28
C THR A 218 8.35 9.43 6.61
N ILE A 219 7.10 9.48 6.18
CA ILE A 219 6.16 8.40 6.44
C ILE A 219 6.65 7.15 5.73
N THR A 220 7.06 7.26 4.48
CA THR A 220 7.52 6.09 3.77
C THR A 220 8.70 5.42 4.48
N ALA A 221 9.53 6.24 5.12
CA ALA A 221 10.70 5.73 5.82
C ALA A 221 10.37 5.04 7.15
N MET A 222 9.36 5.53 7.84
CA MET A 222 8.98 4.96 9.14
C MET A 222 8.16 3.67 9.11
N VAL A 223 7.50 3.42 7.98
CA VAL A 223 6.67 2.21 7.87
C VAL A 223 7.43 0.92 8.07
N ASN A 224 8.63 0.82 7.53
CA ASN A 224 9.40 -0.38 7.73
C ASN A 224 10.88 -0.16 7.91
N SER A 225 11.50 0.55 6.99
CA SER A 225 12.95 0.74 7.06
C SER A 225 13.52 1.13 8.42
N ASN A 226 12.81 1.97 9.18
CA ASN A 226 13.33 2.38 10.49
C ASN A 226 13.17 1.23 11.46
N GLY A 227 14.32 0.64 11.82
CA GLY A 227 14.36 -0.51 12.71
C GLY A 227 14.03 -0.38 14.19
N ASP A 228 14.29 0.75 14.81
CA ASP A 228 13.99 0.85 16.22
C ASP A 228 12.60 1.42 16.52
N ARG A 229 12.07 2.26 15.65
CA ARG A 229 10.73 2.76 15.90
C ARG A 229 9.81 2.64 14.73
N GLY A 230 10.25 1.95 13.68
CA GLY A 230 9.43 1.81 12.49
C GLY A 230 8.09 1.26 12.86
N VAL A 231 7.16 1.22 11.91
CA VAL A 231 5.85 0.71 12.26
C VAL A 231 5.75 -0.81 12.16
N LEU A 232 6.43 -1.38 11.17
CA LEU A 232 6.38 -2.83 10.98
C LEU A 232 7.75 -3.45 10.84
N THR A 233 7.82 -4.71 11.20
CA THR A 233 9.03 -5.50 11.09
C THR A 233 8.79 -6.37 9.85
N GLY A 234 9.76 -6.43 8.94
CA GLY A 234 9.56 -7.26 7.77
C GLY A 234 10.08 -8.67 7.99
N ARG A 235 9.33 -9.66 7.49
CA ARG A 235 9.74 -11.06 7.57
C ARG A 235 9.33 -11.62 6.22
N TRP A 236 10.33 -11.91 5.38
CA TRP A 236 10.08 -12.39 4.05
C TRP A 236 9.83 -13.87 3.92
N GLU A 237 10.04 -14.62 5.00
CA GLU A 237 9.74 -16.04 4.97
C GLU A 237 9.14 -16.65 6.21
N GLU A 238 8.25 -17.58 5.87
CA GLU A 238 7.33 -18.36 6.68
C GLU A 238 7.40 -18.63 8.17
N PRO A 239 8.51 -19.11 8.75
CA PRO A 239 8.27 -19.24 10.21
C PRO A 239 8.14 -17.82 10.87
N TYR A 240 6.91 -17.33 11.00
CA TYR A 240 6.65 -16.00 11.54
C TYR A 240 6.48 -16.15 13.01
N THR A 241 7.48 -16.80 13.61
CA THR A 241 7.41 -17.15 15.01
C THR A 241 6.78 -16.24 16.04
N ASP A 242 7.27 -15.01 16.22
CA ASP A 242 6.62 -14.28 17.30
C ASP A 242 5.80 -13.09 16.89
N GLY A 243 4.88 -13.32 15.97
CA GLY A 243 4.06 -12.23 15.48
C GLY A 243 3.00 -12.70 14.54
N VAL A 244 2.31 -11.78 13.87
CA VAL A 244 1.26 -12.15 12.94
C VAL A 244 1.85 -12.29 11.56
N ALA A 245 1.48 -13.34 10.84
CA ALA A 245 2.00 -13.49 9.51
C ALA A 245 1.42 -12.38 8.65
N PRO A 246 2.24 -11.80 7.75
CA PRO A 246 1.79 -10.72 6.86
C PRO A 246 0.50 -10.99 6.08
N TYR A 247 0.32 -12.21 5.62
CA TYR A 247 -0.86 -12.54 4.83
C TYR A 247 -2.17 -12.57 5.63
N ARG A 248 -2.05 -12.34 6.94
CA ARG A 248 -3.20 -12.35 7.84
C ARG A 248 -3.99 -11.04 7.88
N TRP A 249 -3.30 -9.92 7.80
CA TRP A 249 -3.98 -8.65 7.92
C TRP A 249 -4.96 -8.29 6.83
N THR A 250 -6.10 -7.75 7.23
CA THR A 250 -7.12 -7.30 6.29
C THR A 250 -7.27 -5.78 6.34
N GLY A 251 -6.41 -5.13 7.13
CA GLY A 251 -6.44 -3.68 7.28
C GLY A 251 -5.29 -3.04 8.04
N SER A 252 -5.18 -1.72 7.93
CA SER A 252 -4.08 -0.99 8.56
C SER A 252 -4.26 -0.54 9.99
N VAL A 253 -5.50 -0.33 10.43
CA VAL A 253 -5.73 0.15 11.79
C VAL A 253 -5.19 -0.77 12.94
N PRO A 254 -5.31 -2.09 12.81
CA PRO A 254 -4.80 -2.95 13.90
C PRO A 254 -3.29 -2.91 14.07
N ILE A 255 -2.58 -2.70 12.98
CA ILE A 255 -1.12 -2.58 13.02
C ILE A 255 -0.76 -1.27 13.71
N LEU A 256 -1.43 -0.18 13.33
CA LEU A 256 -1.17 1.14 13.91
C LEU A 256 -1.56 1.20 15.40
N GLN A 257 -2.71 0.66 15.78
CA GLN A 257 -3.06 0.74 17.19
C GLN A 257 -2.05 -0.09 18.01
N GLN A 258 -1.61 -1.21 17.46
CA GLN A 258 -0.65 -2.10 18.13
C GLN A 258 0.71 -1.44 18.33
N TRP A 259 1.20 -0.79 17.27
CA TRP A 259 2.47 -0.06 17.28
C TRP A 259 2.46 1.06 18.37
N SER A 260 1.39 1.84 18.42
CA SER A 260 1.29 2.90 19.40
C SER A 260 0.99 2.34 20.79
N LYS A 261 0.02 1.46 20.88
CA LYS A 261 -0.34 0.86 22.15
C LYS A 261 0.88 0.33 22.87
N ALA A 262 1.75 -0.39 22.16
CA ALA A 262 2.99 -1.00 22.70
C ALA A 262 4.12 -0.04 22.99
N GLY A 263 3.86 1.25 22.87
CA GLY A 263 4.90 2.25 23.10
C GLY A 263 5.76 2.46 21.86
N VAL A 264 5.15 2.48 20.68
CA VAL A 264 5.92 2.66 19.48
C VAL A 264 6.95 1.50 19.42
N ARG A 265 6.46 0.38 18.87
CA ARG A 265 7.23 -0.82 18.76
C ARG A 265 6.94 -1.53 17.44
N PRO A 266 7.96 -1.66 16.55
CA PRO A 266 7.72 -2.34 15.27
C PRO A 266 6.79 -3.54 15.44
N VAL A 267 5.81 -3.65 14.55
CA VAL A 267 4.84 -4.74 14.62
C VAL A 267 5.31 -5.91 13.80
N LYS A 268 5.19 -7.12 14.36
CA LYS A 268 5.58 -8.34 13.62
C LYS A 268 4.38 -9.03 12.99
N TYR A 269 4.34 -9.18 11.66
CA TYR A 269 5.39 -8.78 10.72
C TYR A 269 4.71 -8.19 9.50
N GLY A 270 5.48 -7.75 8.53
CA GLY A 270 4.85 -7.24 7.33
C GLY A 270 5.64 -7.63 6.10
N GLN A 271 4.98 -7.50 4.94
CA GLN A 271 5.61 -7.76 3.64
C GLN A 271 5.25 -6.57 2.73
N CYS A 272 5.87 -6.45 1.55
CA CYS A 272 5.62 -5.29 0.70
C CYS A 272 4.21 -4.71 0.56
N TRP A 273 3.19 -5.50 0.25
CA TRP A 273 1.84 -4.90 0.15
C TRP A 273 1.23 -4.42 1.50
N VAL A 274 1.68 -4.96 2.64
CA VAL A 274 1.21 -4.51 3.95
C VAL A 274 1.83 -3.14 4.35
N PHE A 275 3.04 -2.87 3.86
CA PHE A 275 3.78 -1.61 4.10
C PHE A 275 3.10 -0.54 3.26
N ALA A 276 2.78 -0.88 2.01
CA ALA A 276 2.14 0.07 1.12
C ALA A 276 0.75 0.46 1.64
N ALA A 277 -0.07 -0.54 2.00
CA ALA A 277 -1.41 -0.28 2.54
C ALA A 277 -1.32 0.56 3.78
N VAL A 278 -0.42 0.26 4.72
CA VAL A 278 -0.28 1.09 5.93
C VAL A 278 0.21 2.50 5.55
N ALA A 279 1.02 2.62 4.50
CA ALA A 279 1.50 3.95 4.06
C ALA A 279 0.31 4.70 3.53
N CYS A 280 -0.52 4.00 2.76
CA CYS A 280 -1.71 4.61 2.20
C CYS A 280 -2.62 5.13 3.27
N THR A 281 -2.88 4.36 4.33
CA THR A 281 -3.78 4.78 5.41
C THR A 281 -3.35 6.07 6.07
N VAL A 282 -2.05 6.20 6.30
CA VAL A 282 -1.52 7.36 6.96
C VAL A 282 -1.46 8.61 6.07
N LEU A 283 -1.03 8.46 4.83
CA LEU A 283 -0.93 9.63 3.97
C LEU A 283 -2.38 10.09 3.62
N ARG A 284 -3.26 9.15 3.30
CA ARG A 284 -4.64 9.52 3.05
C ARG A 284 -5.14 10.29 4.29
N CYS A 285 -4.94 9.74 5.48
CA CYS A 285 -5.35 10.43 6.71
C CYS A 285 -4.78 11.85 6.84
N LEU A 286 -3.50 12.05 6.57
CA LEU A 286 -2.93 13.38 6.70
C LEU A 286 -3.39 14.29 5.57
N GLY A 287 -4.00 13.71 4.54
CA GLY A 287 -4.48 14.55 3.46
C GLY A 287 -3.76 14.50 2.13
N ILE A 288 -2.79 13.61 1.99
CA ILE A 288 -2.09 13.57 0.71
C ILE A 288 -2.74 12.49 -0.13
N PRO A 289 -3.25 12.85 -1.32
CA PRO A 289 -3.89 11.87 -2.21
C PRO A 289 -2.97 10.66 -2.47
N THR A 290 -3.44 9.44 -2.19
CA THR A 290 -2.61 8.22 -2.32
C THR A 290 -3.33 6.96 -2.82
N ARG A 291 -2.63 6.15 -3.62
CA ARG A 291 -3.24 4.89 -4.05
C ARG A 291 -2.19 3.78 -4.16
N PRO A 292 -2.48 2.61 -3.60
CA PRO A 292 -1.52 1.52 -3.68
C PRO A 292 -1.40 0.97 -5.08
N ILE A 293 -0.18 0.98 -5.63
CA ILE A 293 -0.01 0.39 -6.96
C ILE A 293 0.78 -0.92 -6.89
N THR A 294 0.39 -1.91 -7.71
CA THR A 294 1.07 -3.22 -7.75
C THR A 294 1.77 -3.49 -9.08
N ASN A 295 2.99 -3.99 -9.02
CA ASN A 295 3.76 -4.25 -10.23
C ASN A 295 3.90 -5.74 -10.39
N PHE A 296 3.59 -6.28 -11.57
CA PHE A 296 3.77 -7.73 -11.72
C PHE A 296 5.10 -7.96 -12.45
N ALA A 297 5.85 -9.00 -12.04
CA ALA A 297 7.18 -9.27 -12.59
C ALA A 297 8.03 -8.04 -12.17
N SER A 298 8.28 -7.96 -10.87
CA SER A 298 9.01 -6.86 -10.29
C SER A 298 10.51 -7.01 -10.18
N ALA A 299 11.26 -6.17 -10.87
CA ALA A 299 12.71 -6.24 -10.75
C ALA A 299 13.22 -5.58 -9.46
N HIS A 300 12.65 -5.96 -8.33
CA HIS A 300 13.08 -5.41 -7.04
C HIS A 300 14.49 -5.85 -6.64
N ASP A 301 14.72 -7.14 -6.83
CA ASP A 301 15.94 -7.90 -6.53
C ASP A 301 17.26 -7.38 -7.11
N VAL A 302 17.14 -6.83 -8.31
CA VAL A 302 18.20 -6.29 -9.14
C VAL A 302 19.06 -5.17 -8.49
N ASP A 303 18.52 -4.55 -7.45
CA ASP A 303 19.27 -3.49 -6.79
C ASP A 303 19.74 -2.39 -7.75
N GLY A 304 18.77 -1.85 -8.49
CA GLY A 304 19.09 -0.77 -9.38
C GLY A 304 19.83 -1.03 -10.65
N ASN A 305 20.28 -2.25 -10.91
CA ASN A 305 20.98 -2.52 -12.16
C ASN A 305 20.10 -2.84 -13.33
N LEU A 306 20.26 -2.10 -14.41
CA LEU A 306 19.40 -2.29 -15.57
C LEU A 306 19.79 -3.47 -16.45
N SER A 307 20.91 -4.10 -16.08
CA SER A 307 21.43 -5.25 -16.82
C SER A 307 21.94 -6.36 -15.96
N VAL A 308 21.25 -7.48 -16.01
CA VAL A 308 21.66 -8.62 -15.25
C VAL A 308 21.69 -9.86 -16.13
N ASP A 309 22.77 -10.60 -16.07
CA ASP A 309 22.86 -11.82 -16.79
C ASP A 309 22.72 -12.86 -15.67
N PHE A 310 21.76 -13.74 -15.82
CA PHE A 310 21.44 -14.73 -14.83
C PHE A 310 21.97 -16.08 -15.27
N LEU A 311 23.02 -16.56 -14.60
CA LEU A 311 23.67 -17.85 -14.91
C LEU A 311 23.04 -19.08 -14.26
N LEU A 312 22.65 -20.00 -15.12
CA LEU A 312 22.02 -21.24 -14.72
C LEU A 312 22.96 -22.35 -15.21
N ASN A 313 22.79 -23.56 -14.72
CA ASN A 313 23.62 -24.63 -15.19
C ASN A 313 22.77 -25.35 -16.22
N GLU A 314 23.27 -26.47 -16.73
CA GLU A 314 22.52 -27.24 -17.71
C GLU A 314 21.27 -27.90 -17.10
N ARG A 315 21.28 -28.08 -15.78
CA ARG A 315 20.12 -28.67 -15.11
C ARG A 315 19.08 -27.61 -14.81
N LEU A 316 19.26 -26.43 -15.42
CA LEU A 316 18.31 -25.33 -15.23
C LEU A 316 18.37 -24.78 -13.82
N GLU A 317 19.55 -24.67 -13.24
CA GLU A 317 19.59 -24.14 -11.91
C GLU A 317 20.59 -23.04 -11.71
N SER A 318 20.34 -22.15 -10.77
CA SER A 318 21.29 -21.09 -10.54
C SER A 318 22.61 -21.79 -10.27
N LEU A 319 23.70 -21.25 -10.79
CA LEU A 319 25.01 -21.83 -10.58
C LEU A 319 25.38 -22.12 -9.09
N ASP A 320 24.92 -21.28 -8.15
CA ASP A 320 25.22 -21.50 -6.73
C ASP A 320 24.01 -22.03 -6.00
N SER A 321 24.08 -23.31 -5.66
CA SER A 321 23.01 -24.03 -4.96
C SER A 321 22.54 -23.34 -3.70
N ARG A 322 23.41 -22.53 -3.14
CA ARG A 322 23.09 -21.84 -1.92
C ARG A 322 22.10 -20.74 -2.18
N GLN A 323 22.28 -20.03 -3.30
CA GLN A 323 21.40 -18.91 -3.60
C GLN A 323 20.00 -19.40 -3.89
N ARG A 324 19.06 -18.92 -3.08
CA ARG A 324 17.64 -19.29 -3.14
C ARG A 324 16.75 -18.41 -3.95
N SER A 325 17.14 -17.17 -4.18
CA SER A 325 16.28 -16.24 -4.95
C SER A 325 16.29 -16.51 -6.43
N ASP A 326 15.10 -16.53 -7.01
CA ASP A 326 14.89 -16.80 -8.42
C ASP A 326 14.36 -15.57 -9.22
N SER A 327 15.23 -14.61 -9.43
CA SER A 327 14.88 -13.42 -10.18
C SER A 327 13.68 -12.62 -9.67
N SER A 328 13.04 -11.96 -10.65
CA SER A 328 11.91 -11.09 -10.42
C SER A 328 10.81 -11.62 -9.57
N TRP A 329 10.30 -10.77 -8.70
CA TRP A 329 9.20 -11.10 -7.80
C TRP A 329 7.91 -11.35 -8.58
N ASN A 330 6.99 -12.14 -8.04
CA ASN A 330 5.72 -12.40 -8.74
C ASN A 330 4.96 -11.07 -8.88
N PHE A 331 5.10 -10.21 -7.87
CA PHE A 331 4.50 -8.88 -7.88
C PHE A 331 5.15 -8.12 -6.75
N HIS A 332 4.96 -6.83 -6.75
CA HIS A 332 5.53 -6.01 -5.70
C HIS A 332 4.68 -4.76 -5.67
N CYS A 333 4.37 -4.32 -4.46
CA CYS A 333 3.55 -3.16 -4.25
C CYS A 333 4.26 -1.92 -3.67
N TRP A 334 3.75 -0.75 -4.06
CA TRP A 334 4.22 0.50 -3.51
C TRP A 334 3.02 1.47 -3.51
N VAL A 335 3.30 2.74 -3.35
CA VAL A 335 2.23 3.69 -3.27
C VAL A 335 2.55 4.90 -4.14
N GLU A 336 1.52 5.54 -4.70
CA GLU A 336 1.70 6.75 -5.52
C GLU A 336 1.02 7.88 -4.73
N SER A 337 1.70 9.01 -4.53
CA SER A 337 1.09 10.14 -3.82
C SER A 337 1.07 11.37 -4.72
N TRP A 338 -0.04 12.11 -4.71
CA TRP A 338 -0.18 13.29 -5.54
C TRP A 338 0.35 14.52 -4.86
N MET A 339 1.24 15.23 -5.53
CA MET A 339 1.80 16.47 -5.02
C MET A 339 2.63 17.14 -6.12
N SER A 340 2.81 18.44 -6.03
CA SER A 340 3.63 19.15 -6.98
C SER A 340 5.07 19.16 -6.44
N ARG A 341 6.03 19.09 -7.34
CA ARG A 341 7.43 19.03 -6.95
C ARG A 341 8.16 20.31 -7.22
N GLU A 342 7.98 21.26 -6.34
CA GLU A 342 8.65 22.53 -6.51
C GLU A 342 10.15 22.37 -6.26
N ASP A 343 10.56 21.23 -5.72
CA ASP A 343 11.98 21.00 -5.48
C ASP A 343 12.73 20.49 -6.71
N LEU A 344 12.05 20.34 -7.84
CA LEU A 344 12.67 19.83 -9.05
C LEU A 344 12.22 20.60 -10.28
N PRO A 345 12.92 20.39 -11.40
CA PRO A 345 12.56 21.07 -12.64
C PRO A 345 11.08 20.93 -13.01
N GLU A 346 10.65 21.80 -13.93
CA GLU A 346 9.30 21.85 -14.45
C GLU A 346 8.96 20.50 -15.01
N GLY A 347 7.78 19.97 -14.72
CA GLY A 347 7.40 18.71 -15.31
C GLY A 347 7.28 17.46 -14.48
N ASN A 348 7.71 17.52 -13.23
CA ASN A 348 7.67 16.34 -12.40
C ASN A 348 6.53 16.36 -11.41
N ASP A 349 5.54 17.19 -11.67
CA ASP A 349 4.39 17.34 -10.79
C ASP A 349 3.45 16.18 -10.94
N GLY A 350 2.62 15.93 -9.96
CA GLY A 350 1.69 14.84 -10.15
C GLY A 350 2.02 13.70 -9.25
N TRP A 351 1.70 12.49 -9.69
CA TRP A 351 1.94 11.29 -8.88
C TRP A 351 3.43 10.98 -8.64
N GLN A 352 3.76 10.66 -7.40
CA GLN A 352 5.13 10.33 -7.00
C GLN A 352 5.11 8.95 -6.40
N VAL A 353 6.10 8.16 -6.73
CA VAL A 353 6.21 6.81 -6.21
C VAL A 353 6.92 6.83 -4.89
N LEU A 354 6.29 6.26 -3.86
CA LEU A 354 6.84 6.12 -2.50
C LEU A 354 6.85 4.59 -2.21
N ASP A 355 8.03 3.99 -2.11
CA ASP A 355 8.09 2.57 -1.85
C ASP A 355 8.63 2.36 -0.44
N PRO A 356 7.75 1.91 0.49
CA PRO A 356 8.19 1.69 1.88
C PRO A 356 9.15 0.49 2.06
N THR A 357 9.11 -0.45 1.11
CA THR A 357 9.94 -1.63 1.09
C THR A 357 11.38 -1.24 0.86
N PRO A 358 12.26 -1.53 1.83
CA PRO A 358 13.67 -1.16 1.66
C PRO A 358 14.25 -1.74 0.40
N GLN A 359 15.25 -1.03 -0.13
CA GLN A 359 15.90 -1.45 -1.35
C GLN A 359 16.85 -2.54 -1.03
N GLU A 360 16.78 -3.54 -1.90
CA GLU A 360 17.55 -4.76 -1.85
C GLU A 360 18.86 -4.75 -1.05
N LEU A 361 19.89 -4.15 -1.64
CA LEU A 361 21.18 -4.20 -1.04
C LEU A 361 21.84 -3.21 -0.06
N SER A 362 21.03 -2.57 0.80
CA SER A 362 21.53 -1.74 1.92
C SER A 362 20.46 -2.16 2.87
N ASP A 363 20.81 -3.18 3.65
CA ASP A 363 19.87 -3.89 4.49
C ASP A 363 18.77 -3.23 5.32
N GLY A 364 17.56 -3.36 4.76
CA GLY A 364 16.33 -2.84 5.34
C GLY A 364 16.58 -1.43 5.71
N GLU A 365 17.36 -0.78 4.87
CA GLU A 365 17.75 0.56 5.18
C GLU A 365 17.23 1.67 4.31
N PHE A 366 17.21 1.44 3.00
CA PHE A 366 16.78 2.49 2.09
C PHE A 366 15.41 2.40 1.43
N CYS A 367 14.46 3.21 1.89
CA CYS A 367 13.13 3.24 1.30
C CYS A 367 13.31 4.04 0.00
N CYS A 368 12.27 4.04 -0.86
CA CYS A 368 12.32 4.76 -2.14
C CYS A 368 11.32 5.92 -2.32
N GLY A 369 11.78 6.98 -3.00
CA GLY A 369 10.93 8.11 -3.27
C GLY A 369 10.85 9.18 -2.20
N PRO A 370 10.05 10.24 -2.41
CA PRO A 370 9.16 10.45 -3.57
C PRO A 370 9.83 10.68 -4.90
N CYS A 371 9.48 9.82 -5.86
CA CYS A 371 10.01 9.88 -7.22
C CYS A 371 8.92 10.12 -8.28
N PRO A 372 9.07 11.17 -9.10
CA PRO A 372 8.05 11.41 -10.11
C PRO A 372 7.81 10.22 -11.00
N VAL A 373 6.58 9.75 -11.08
CA VAL A 373 6.29 8.65 -12.00
C VAL A 373 6.62 9.10 -13.45
N ALA A 374 6.64 10.42 -13.69
CA ALA A 374 6.94 10.97 -15.02
C ALA A 374 8.41 10.86 -15.36
N ALA A 375 9.26 10.91 -14.34
CA ALA A 375 10.71 10.80 -14.51
C ALA A 375 10.97 9.36 -14.91
N ILE A 376 10.13 8.45 -14.43
CA ILE A 376 10.30 7.05 -14.81
C ILE A 376 9.90 6.90 -16.29
N LYS A 377 8.69 7.35 -16.61
CA LYS A 377 8.20 7.25 -17.99
C LYS A 377 9.17 7.80 -19.01
N GLU A 378 9.74 8.96 -18.73
CA GLU A 378 10.64 9.59 -19.68
C GLU A 378 12.12 9.25 -19.51
N GLY A 379 12.41 8.46 -18.48
CA GLY A 379 13.77 8.03 -18.23
C GLY A 379 14.70 9.05 -17.60
N ASN A 380 14.22 9.95 -16.77
CA ASN A 380 15.15 10.90 -16.17
C ASN A 380 15.50 10.36 -14.79
N LEU A 381 16.66 9.75 -14.68
CA LEU A 381 17.08 9.15 -13.43
C LEU A 381 17.80 10.18 -12.57
N GLY A 382 17.93 11.41 -13.05
CA GLY A 382 18.66 12.42 -12.28
C GLY A 382 17.96 13.24 -11.20
N VAL A 383 16.68 13.00 -10.96
CA VAL A 383 15.93 13.76 -9.96
C VAL A 383 15.72 12.99 -8.68
N LYS A 384 15.64 13.70 -7.55
CA LYS A 384 15.40 13.01 -6.29
C LYS A 384 13.90 12.73 -6.24
N TYR A 385 13.49 11.61 -5.64
CA TYR A 385 14.38 10.62 -5.03
C TYR A 385 14.31 9.18 -5.52
N ASP A 386 15.51 8.60 -5.66
CA ASP A 386 15.73 7.20 -6.05
C ASP A 386 15.16 6.73 -7.37
N ALA A 387 15.21 7.63 -8.36
CA ALA A 387 14.72 7.33 -9.69
C ALA A 387 15.32 6.09 -10.33
N PRO A 388 16.65 5.85 -10.18
CA PRO A 388 17.29 4.66 -10.79
C PRO A 388 16.71 3.38 -10.30
N PHE A 389 16.45 3.34 -8.99
CA PHE A 389 15.89 2.16 -8.39
C PHE A 389 14.50 1.91 -8.81
N VAL A 390 13.72 2.99 -8.92
CA VAL A 390 12.32 2.85 -9.32
C VAL A 390 12.19 2.60 -10.83
N PHE A 391 13.13 3.09 -11.61
CA PHE A 391 13.12 2.85 -13.04
C PHE A 391 13.50 1.36 -13.27
N ALA A 392 14.38 0.79 -12.42
CA ALA A 392 14.82 -0.60 -12.58
C ALA A 392 13.72 -1.56 -12.29
N GLU A 393 13.00 -1.24 -11.23
CA GLU A 393 11.88 -2.05 -10.76
C GLU A 393 10.92 -2.45 -11.86
N VAL A 394 10.74 -1.54 -12.78
CA VAL A 394 9.80 -1.64 -13.86
C VAL A 394 10.47 -1.83 -15.25
N ASN A 395 11.80 -1.68 -15.33
CA ASN A 395 12.53 -1.79 -16.61
C ASN A 395 13.77 -2.70 -16.71
N ALA A 396 14.31 -3.16 -15.59
CA ALA A 396 15.54 -3.99 -15.59
C ALA A 396 15.56 -5.13 -16.61
N ASP A 397 16.70 -5.34 -17.27
CA ASP A 397 16.83 -6.43 -18.26
C ASP A 397 17.63 -7.60 -17.75
N THR A 398 16.96 -8.72 -17.47
CA THR A 398 17.60 -9.95 -17.01
C THR A 398 17.65 -10.96 -18.17
N ILE A 399 18.85 -11.36 -18.54
CA ILE A 399 19.03 -12.33 -19.59
C ILE A 399 19.59 -13.62 -18.96
N TYR A 400 18.88 -14.73 -19.09
CA TYR A 400 19.35 -16.01 -18.53
C TYR A 400 20.36 -16.74 -19.42
N TRP A 401 21.34 -17.42 -18.82
CA TRP A 401 22.33 -18.15 -19.61
C TRP A 401 22.64 -19.53 -19.08
N ILE A 402 22.83 -20.48 -20.00
CA ILE A 402 23.23 -21.83 -19.64
C ILE A 402 24.75 -21.81 -19.77
N VAL A 403 25.45 -21.81 -18.65
CA VAL A 403 26.90 -21.83 -18.73
C VAL A 403 27.34 -23.25 -18.49
N GLN A 404 28.05 -23.82 -19.47
CA GLN A 404 28.55 -25.18 -19.36
C GLN A 404 29.81 -25.29 -18.51
N LYS A 405 30.16 -26.51 -18.13
CA LYS A 405 31.33 -26.76 -17.28
C LYS A 405 32.62 -26.33 -17.94
N ASP A 406 32.54 -26.03 -19.23
CA ASP A 406 33.69 -25.57 -19.99
C ASP A 406 33.58 -24.06 -20.29
N GLY A 407 32.74 -23.38 -19.53
CA GLY A 407 32.59 -21.96 -19.70
C GLY A 407 31.78 -21.44 -20.87
N GLN A 408 31.33 -22.28 -21.77
CA GLN A 408 30.52 -21.81 -22.89
C GLN A 408 29.14 -21.34 -22.35
N ARG A 409 28.81 -20.08 -22.60
CA ARG A 409 27.53 -19.55 -22.12
C ARG A 409 26.47 -19.51 -23.23
N ARG A 410 25.39 -20.23 -23.02
CA ARG A 410 24.32 -20.26 -24.01
C ARG A 410 23.15 -19.38 -23.56
N LYS A 411 22.85 -18.38 -24.39
CA LYS A 411 21.78 -17.44 -24.11
C LYS A 411 20.42 -18.09 -24.27
N ILE A 412 19.62 -18.04 -23.20
CA ILE A 412 18.29 -18.61 -23.26
C ILE A 412 17.34 -17.60 -23.85
N THR A 413 16.55 -18.01 -24.84
CA THR A 413 15.57 -17.12 -25.46
C THR A 413 14.33 -17.29 -24.63
N GLU A 414 13.75 -16.19 -24.20
CA GLU A 414 12.58 -16.33 -23.36
C GLU A 414 11.29 -15.67 -23.82
N ASP A 415 10.22 -16.47 -23.87
CA ASP A 415 8.92 -15.88 -24.17
C ASP A 415 8.09 -16.00 -22.90
N HIS A 416 7.88 -14.84 -22.27
CA HIS A 416 7.15 -14.64 -21.01
C HIS A 416 7.74 -13.28 -20.62
N ALA A 417 9.03 -13.18 -20.89
CA ALA A 417 9.85 -12.00 -20.68
C ALA A 417 9.34 -10.89 -19.78
N SER A 418 9.81 -9.68 -20.11
CA SER A 418 9.48 -8.38 -19.48
C SER A 418 9.10 -8.24 -18.00
N VAL A 419 9.57 -7.13 -17.42
CA VAL A 419 9.27 -6.79 -16.04
C VAL A 419 8.23 -5.71 -16.13
N GLY A 420 7.63 -5.36 -14.99
CA GLY A 420 6.62 -4.31 -14.95
C GLY A 420 5.49 -4.65 -15.89
N LYS A 421 4.79 -5.72 -15.57
CA LYS A 421 3.77 -6.17 -16.46
C LYS A 421 2.40 -5.54 -16.38
N ASN A 422 1.64 -5.71 -15.32
CA ASN A 422 0.33 -5.09 -15.41
C ASN A 422 0.14 -4.18 -14.25
N ILE A 423 0.99 -3.17 -14.18
CA ILE A 423 0.91 -2.22 -13.10
C ILE A 423 -0.58 -1.93 -12.88
N SER A 424 -1.06 -2.18 -11.66
CA SER A 424 -2.46 -2.04 -11.35
C SER A 424 -2.73 -1.19 -10.13
N THR A 425 -3.90 -0.54 -10.14
CA THR A 425 -4.35 0.25 -9.01
C THR A 425 -5.87 0.15 -9.08
N LYS A 426 -6.55 0.40 -7.96
CA LYS A 426 -8.02 0.32 -7.97
C LYS A 426 -8.66 1.46 -8.76
N SER A 427 -9.78 1.11 -9.39
CA SER A 427 -10.53 2.04 -10.18
C SER A 427 -11.32 3.02 -9.31
N VAL A 428 -11.44 4.25 -9.79
CA VAL A 428 -12.16 5.27 -9.09
C VAL A 428 -13.64 4.98 -9.00
N TYR A 429 -14.13 4.19 -9.94
CA TYR A 429 -15.53 3.88 -9.93
C TYR A 429 -15.67 2.40 -10.07
N GLY A 430 -16.09 1.75 -9.00
CA GLY A 430 -16.20 0.31 -9.03
C GLY A 430 -14.95 -0.20 -8.36
N ASN A 431 -14.83 -1.51 -8.26
CA ASN A 431 -13.66 -2.07 -7.62
C ASN A 431 -12.83 -2.81 -8.66
N HIS A 432 -12.90 -2.27 -9.89
CA HIS A 432 -12.17 -2.81 -11.02
C HIS A 432 -10.71 -2.43 -10.96
N ARG A 433 -9.91 -3.23 -11.65
CA ARG A 433 -8.47 -3.07 -11.74
C ARG A 433 -8.26 -2.12 -12.89
N GLU A 434 -7.45 -1.12 -12.64
CA GLU A 434 -7.14 -0.14 -13.62
C GLU A 434 -5.71 -0.37 -14.04
N ASP A 435 -5.48 -0.73 -15.30
CA ASP A 435 -4.11 -0.96 -15.72
C ASP A 435 -3.42 0.38 -15.96
N VAL A 436 -2.47 0.68 -15.09
CA VAL A 436 -1.76 1.93 -15.07
C VAL A 436 -0.35 1.85 -15.70
N THR A 437 -0.07 0.75 -16.39
CA THR A 437 1.26 0.54 -16.97
C THR A 437 1.77 1.66 -17.86
N LEU A 438 0.97 2.09 -18.79
CA LEU A 438 1.44 3.16 -19.65
C LEU A 438 1.84 4.47 -18.93
N HIS A 439 1.46 4.68 -17.67
CA HIS A 439 1.86 5.91 -16.94
C HIS A 439 3.34 5.75 -16.67
N TYR A 440 3.76 4.49 -16.58
CA TYR A 440 5.13 4.15 -16.27
C TYR A 440 5.98 3.90 -17.45
N LYS A 441 5.44 3.28 -18.49
CA LYS A 441 6.32 3.04 -19.61
C LYS A 441 5.71 3.04 -20.99
N TYR A 442 6.51 3.44 -21.97
CA TYR A 442 6.05 3.47 -23.33
C TYR A 442 5.87 2.05 -23.75
N PRO A 443 4.94 1.78 -24.67
CA PRO A 443 4.70 0.40 -25.10
C PRO A 443 5.95 -0.25 -25.59
N GLU A 444 6.06 -1.54 -25.31
CA GLU A 444 7.19 -2.35 -25.67
C GLU A 444 7.52 -2.29 -27.16
N GLY A 445 8.77 -1.99 -27.49
CA GLY A 445 9.14 -1.89 -28.88
C GLY A 445 8.99 -0.50 -29.49
N SER A 446 8.15 0.33 -28.92
CA SER A 446 7.95 1.66 -29.43
C SER A 446 9.32 2.33 -29.62
N GLN A 447 9.41 3.26 -30.54
CA GLN A 447 10.65 3.96 -30.75
C GLN A 447 10.76 4.86 -29.56
N LYS A 448 9.63 5.16 -28.95
CA LYS A 448 9.71 6.02 -27.80
C LYS A 448 10.36 5.23 -26.68
N GLU A 449 10.05 3.93 -26.59
CA GLU A 449 10.65 3.08 -25.59
C GLU A 449 12.13 2.99 -25.90
N ARG A 450 12.50 2.88 -27.19
CA ARG A 450 13.92 2.79 -27.55
C ARG A 450 14.72 4.05 -27.19
N GLU A 451 14.14 5.22 -27.33
CA GLU A 451 14.96 6.35 -27.01
C GLU A 451 15.04 6.64 -25.53
N VAL A 452 14.12 6.11 -24.72
CA VAL A 452 14.19 6.36 -23.27
C VAL A 452 15.15 5.38 -22.64
N TYR A 453 15.14 4.15 -23.13
CA TYR A 453 16.03 3.10 -22.64
C TYR A 453 17.44 3.53 -23.01
N LYS A 454 17.57 4.12 -24.18
CA LYS A 454 18.86 4.57 -24.67
C LYS A 454 19.34 5.66 -23.71
N LYS A 455 18.51 6.65 -23.50
CA LYS A 455 18.85 7.73 -22.58
C LYS A 455 19.20 7.27 -21.15
N ALA A 456 18.39 6.37 -20.59
CA ALA A 456 18.58 5.94 -19.23
C ALA A 456 19.59 4.84 -18.97
N GLY A 457 20.04 4.21 -20.05
CA GLY A 457 21.00 3.13 -19.90
C GLY A 457 20.41 1.73 -19.83
N ARG A 458 19.18 1.54 -20.31
CA ARG A 458 18.57 0.20 -20.31
C ARG A 458 19.08 -0.42 -21.58
N ARG A 459 19.75 -1.59 -21.50
CA ARG A 459 20.25 -2.19 -22.73
C ARG A 459 19.08 -2.43 -23.65
N VAL A 460 19.28 -2.19 -24.94
CA VAL A 460 18.18 -2.33 -25.86
C VAL A 460 18.46 -3.13 -27.09
N THR A 461 18.26 -4.43 -26.93
CA THR A 461 18.42 -5.45 -27.97
C THR A 461 17.75 -5.14 -29.36
N ARG A 472 8.23 -21.63 -36.18
CA ARG A 472 9.34 -21.99 -35.26
C ARG A 472 8.78 -22.61 -33.99
N LEU A 473 9.68 -23.08 -33.13
CA LEU A 473 9.23 -23.69 -31.90
C LEU A 473 8.65 -22.64 -30.94
N GLN A 474 7.56 -22.98 -30.27
CA GLN A 474 6.93 -22.07 -29.33
C GLN A 474 6.53 -22.84 -28.09
N LEU A 475 7.13 -22.46 -26.97
CA LEU A 475 6.89 -23.14 -25.69
C LEU A 475 5.89 -22.36 -24.86
N SER A 476 5.01 -23.06 -24.15
CA SER A 476 4.01 -22.42 -23.31
C SER A 476 3.52 -23.37 -22.24
N ILE A 477 3.17 -22.86 -21.06
CA ILE A 477 2.67 -23.67 -19.94
C ILE A 477 1.23 -23.28 -19.69
N LYS A 478 0.38 -24.25 -19.36
CA LYS A 478 -1.03 -23.92 -19.14
C LYS A 478 -1.65 -24.69 -18.01
N HIS A 479 -2.62 -24.10 -17.35
CA HIS A 479 -3.25 -24.78 -16.23
C HIS A 479 -4.69 -24.34 -16.02
N ALA A 480 -5.49 -25.20 -15.37
CA ALA A 480 -6.90 -24.93 -15.09
C ALA A 480 -7.18 -24.23 -13.76
N GLN A 481 -6.23 -23.43 -13.27
CA GLN A 481 -6.35 -22.73 -11.98
C GLN A 481 -6.76 -23.69 -10.89
N PRO A 482 -5.82 -24.53 -10.41
CA PRO A 482 -6.08 -25.52 -9.36
C PRO A 482 -6.42 -24.96 -8.01
N VAL A 483 -7.17 -25.73 -7.24
CA VAL A 483 -7.51 -25.35 -5.88
C VAL A 483 -6.59 -26.04 -4.90
N PHE A 484 -6.04 -25.33 -3.93
CA PHE A 484 -5.17 -25.96 -2.95
C PHE A 484 -5.91 -27.17 -2.37
N GLY A 485 -5.17 -28.28 -2.26
CA GLY A 485 -5.72 -29.52 -1.74
C GLY A 485 -5.82 -30.59 -2.83
N THR A 486 -5.81 -30.18 -4.10
CA THR A 486 -5.94 -31.13 -5.19
C THR A 486 -4.69 -31.46 -6.03
N ASP A 487 -4.71 -32.63 -6.67
CA ASP A 487 -3.61 -33.03 -7.54
C ASP A 487 -4.09 -32.53 -8.88
N PHE A 488 -3.20 -32.05 -9.73
CA PHE A 488 -3.67 -31.54 -11.01
C PHE A 488 -2.64 -31.69 -12.11
N ASP A 489 -3.06 -31.39 -13.32
CA ASP A 489 -2.15 -31.48 -14.42
C ASP A 489 -1.86 -30.08 -14.93
N VAL A 490 -0.66 -29.90 -15.46
CA VAL A 490 -0.20 -28.65 -16.06
C VAL A 490 0.33 -29.06 -17.42
N ILE A 491 -0.19 -28.49 -18.50
CA ILE A 491 0.35 -28.86 -19.80
C ILE A 491 1.46 -27.93 -20.24
N VAL A 492 2.48 -28.51 -20.86
CA VAL A 492 3.61 -27.78 -21.41
C VAL A 492 3.48 -28.10 -22.89
N GLU A 493 3.11 -27.10 -23.71
CA GLU A 493 2.94 -27.34 -25.11
C GLU A 493 4.00 -26.68 -25.96
N VAL A 494 4.58 -27.47 -26.85
CA VAL A 494 5.61 -27.01 -27.78
C VAL A 494 4.92 -26.89 -29.13
N LYS A 495 4.87 -25.70 -29.72
CA LYS A 495 4.21 -25.55 -31.01
C LYS A 495 5.24 -25.34 -32.06
N ASN A 496 5.32 -26.27 -33.00
CA ASN A 496 6.26 -26.09 -34.07
C ASN A 496 5.51 -25.41 -35.21
N GLU A 497 5.64 -24.10 -35.38
CA GLU A 497 4.95 -23.52 -36.51
C GLU A 497 5.98 -23.29 -37.62
N GLY A 498 6.70 -24.36 -37.93
CA GLY A 498 7.71 -24.31 -38.96
C GLY A 498 7.35 -25.34 -40.00
N GLY A 499 8.08 -25.34 -41.11
CA GLY A 499 7.79 -26.26 -42.20
C GLY A 499 8.38 -27.65 -42.10
N ARG A 500 9.55 -27.77 -41.49
CA ARG A 500 10.23 -29.06 -41.34
C ARG A 500 10.10 -29.57 -39.91
N ASP A 501 10.15 -30.90 -39.76
CA ASP A 501 10.04 -31.57 -38.45
C ASP A 501 11.14 -31.17 -37.51
N ALA A 502 10.84 -31.07 -36.22
CA ALA A 502 11.84 -30.62 -35.27
C ALA A 502 11.94 -31.49 -34.07
N HIS A 503 13.14 -31.97 -33.81
CA HIS A 503 13.36 -32.83 -32.68
C HIS A 503 14.13 -32.02 -31.63
N ALA A 504 13.64 -32.02 -30.40
CA ALA A 504 14.32 -31.24 -29.36
C ALA A 504 14.23 -31.92 -27.99
N GLN A 505 14.94 -31.35 -27.03
CA GLN A 505 14.96 -31.92 -25.68
C GLN A 505 14.13 -31.02 -24.82
N LEU A 506 13.14 -31.58 -24.17
CA LEU A 506 12.23 -30.83 -23.34
C LEU A 506 12.38 -31.09 -21.85
N THR A 507 12.99 -30.16 -21.14
CA THR A 507 13.13 -30.29 -19.69
C THR A 507 12.04 -29.51 -18.94
N MET A 508 11.40 -30.14 -17.97
CA MET A 508 10.36 -29.47 -17.19
C MET A 508 10.58 -29.68 -15.70
N LEU A 509 10.39 -28.63 -14.91
CA LEU A 509 10.54 -28.73 -13.46
C LEU A 509 9.39 -28.02 -12.80
N ALA A 510 9.07 -28.43 -11.59
CA ALA A 510 8.01 -27.80 -10.87
C ALA A 510 8.53 -27.72 -9.44
N MET A 511 8.72 -26.50 -8.95
CA MET A 511 9.25 -26.28 -7.60
C MET A 511 8.37 -25.29 -6.89
N ALA A 512 8.25 -25.42 -5.57
CA ALA A 512 7.43 -24.48 -4.80
C ALA A 512 8.22 -23.16 -4.75
N VAL A 513 7.50 -22.06 -4.54
CA VAL A 513 8.11 -20.73 -4.52
C VAL A 513 7.36 -19.76 -3.57
N THR A 514 7.97 -18.60 -3.31
CA THR A 514 7.31 -17.58 -2.48
C THR A 514 7.08 -16.41 -3.42
N TYR A 515 6.15 -15.51 -3.09
CA TYR A 515 5.91 -14.41 -4.01
C TYR A 515 7.20 -13.65 -4.26
N ASN A 516 8.05 -13.47 -3.24
CA ASN A 516 9.30 -12.76 -3.51
C ASN A 516 10.39 -13.62 -4.11
N SER A 517 9.98 -14.60 -4.90
CA SER A 517 10.91 -15.48 -5.57
C SER A 517 11.93 -16.27 -4.73
N LEU A 518 11.53 -16.70 -3.55
CA LEU A 518 12.42 -17.48 -2.72
C LEU A 518 12.11 -18.93 -3.02
N ARG A 519 13.03 -19.59 -3.72
CA ARG A 519 12.91 -20.99 -4.08
C ARG A 519 12.77 -21.85 -2.83
N ARG A 520 11.82 -22.79 -2.86
CA ARG A 520 11.58 -23.64 -1.71
C ARG A 520 11.74 -25.13 -1.97
N GLY A 521 10.66 -25.82 -2.30
CA GLY A 521 10.79 -27.24 -2.57
C GLY A 521 10.59 -27.74 -3.99
N GLU A 522 11.66 -28.27 -4.60
CA GLU A 522 11.61 -28.80 -5.97
C GLU A 522 10.74 -30.08 -5.98
N CYS A 523 9.42 -29.91 -6.06
CA CYS A 523 8.54 -31.07 -6.05
C CYS A 523 8.37 -31.88 -7.34
N GLN A 524 9.42 -31.91 -8.17
CA GLN A 524 9.50 -32.72 -9.39
C GLN A 524 10.00 -32.11 -10.67
N ARG A 525 10.85 -32.87 -11.33
CA ARG A 525 11.51 -32.51 -12.58
C ARG A 525 11.29 -33.63 -13.62
N LYS A 526 11.64 -33.41 -14.88
CA LYS A 526 11.41 -34.45 -15.90
C LYS A 526 11.91 -33.97 -17.25
N THR A 527 12.67 -34.80 -17.94
CA THR A 527 13.17 -34.42 -19.27
C THR A 527 12.68 -35.41 -20.29
N ILE A 528 12.17 -34.91 -21.40
CA ILE A 528 11.64 -35.74 -22.45
C ILE A 528 12.31 -35.43 -23.74
N SER A 529 12.26 -36.36 -24.66
CA SER A 529 12.81 -36.13 -25.98
C SER A 529 11.58 -35.98 -26.84
N VAL A 530 11.61 -34.96 -27.67
CA VAL A 530 10.46 -34.65 -28.45
C VAL A 530 10.75 -34.46 -29.95
N THR A 531 9.80 -34.88 -30.78
CA THR A 531 9.91 -34.60 -32.21
C THR A 531 8.53 -34.10 -32.58
N VAL A 532 8.46 -32.81 -32.81
CA VAL A 532 7.20 -32.22 -33.14
C VAL A 532 7.24 -31.82 -34.59
N PRO A 533 6.28 -32.30 -35.35
CA PRO A 533 6.10 -32.08 -36.78
C PRO A 533 5.67 -30.70 -37.17
N ALA A 534 5.99 -30.34 -38.42
CA ALA A 534 5.64 -29.04 -38.94
C ALA A 534 4.21 -28.77 -38.64
N HIS A 535 3.94 -27.51 -38.37
CA HIS A 535 2.61 -27.03 -38.08
C HIS A 535 1.76 -27.92 -37.22
N LYS A 536 2.39 -28.58 -36.27
CA LYS A 536 1.66 -29.43 -35.34
C LYS A 536 2.22 -29.06 -33.97
N ALA A 537 1.55 -29.46 -32.89
CA ALA A 537 2.02 -29.12 -31.55
C ALA A 537 2.01 -30.29 -30.57
N HIS A 538 3.12 -30.49 -29.87
CA HIS A 538 3.23 -31.57 -28.90
C HIS A 538 2.88 -31.09 -27.48
N LYS A 539 1.96 -31.80 -26.85
CA LYS A 539 1.54 -31.45 -25.50
C LYS A 539 1.96 -32.51 -24.46
N GLU A 540 2.77 -32.08 -23.49
CA GLU A 540 3.21 -32.97 -22.42
C GLU A 540 2.55 -32.51 -21.14
N VAL A 541 2.28 -33.46 -20.27
CA VAL A 541 1.64 -33.17 -19.00
C VAL A 541 2.51 -33.49 -17.78
N MET A 542 2.35 -32.68 -16.74
CA MET A 542 3.08 -32.89 -15.51
C MET A 542 2.03 -32.90 -14.44
N ARG A 543 1.91 -34.01 -13.72
CA ARG A 543 0.90 -34.06 -12.69
C ARG A 543 1.47 -33.80 -11.34
N LEU A 544 1.03 -32.68 -10.75
CA LEU A 544 1.47 -32.29 -9.42
C LEU A 544 0.41 -32.83 -8.45
N HIS A 545 0.85 -33.35 -7.29
CA HIS A 545 -0.04 -33.95 -6.28
C HIS A 545 0.02 -33.29 -4.93
N TYR A 546 -1.13 -33.25 -4.26
CA TYR A 546 -1.19 -32.60 -2.99
C TYR A 546 -0.18 -33.05 -1.98
N ASP A 547 -0.14 -34.34 -1.68
CA ASP A 547 0.78 -34.86 -0.66
C ASP A 547 2.24 -34.62 -0.98
N ASP A 548 2.51 -34.23 -2.21
CA ASP A 548 3.86 -33.92 -2.63
C ASP A 548 4.09 -32.44 -2.37
N TYR A 549 3.26 -31.58 -2.95
CA TYR A 549 3.44 -30.15 -2.77
C TYR A 549 3.05 -29.54 -1.45
N VAL A 550 2.36 -30.25 -0.56
CA VAL A 550 2.04 -29.63 0.73
C VAL A 550 3.34 -29.42 1.46
N ARG A 551 4.27 -30.31 1.17
CA ARG A 551 5.58 -30.32 1.78
C ARG A 551 6.43 -29.06 1.51
N CYS A 552 6.32 -28.48 0.32
CA CYS A 552 7.16 -27.34 -0.06
C CYS A 552 6.52 -25.97 -0.22
N VAL A 553 5.23 -25.97 -0.48
CA VAL A 553 4.47 -24.76 -0.71
C VAL A 553 4.27 -23.99 0.61
N SER A 554 4.08 -22.67 0.51
CA SER A 554 3.88 -21.71 1.64
C SER A 554 2.42 -21.19 1.74
N GLU A 555 2.23 -20.16 2.57
CA GLU A 555 0.91 -19.55 2.79
C GLU A 555 0.26 -19.07 1.49
N HIS A 556 1.07 -18.77 0.48
CA HIS A 556 0.52 -18.30 -0.79
C HIS A 556 0.26 -19.46 -1.73
N HIS A 557 0.68 -20.67 -1.36
CA HIS A 557 0.44 -21.82 -2.22
C HIS A 557 0.87 -21.65 -3.69
N LEU A 558 2.15 -21.29 -3.89
CA LEU A 558 2.68 -21.06 -5.23
C LEU A 558 3.63 -22.13 -5.81
N ILE A 559 3.46 -22.45 -7.09
CA ILE A 559 4.29 -23.43 -7.73
C ILE A 559 4.83 -22.84 -9.02
N ARG A 560 6.15 -22.65 -9.08
CA ARG A 560 6.74 -22.11 -10.29
C ARG A 560 7.10 -23.24 -11.25
N VAL A 561 6.46 -23.31 -12.41
CA VAL A 561 6.76 -24.33 -13.39
C VAL A 561 7.64 -23.72 -14.47
N LYS A 562 8.69 -24.42 -14.88
CA LYS A 562 9.60 -23.95 -15.92
C LYS A 562 9.78 -24.99 -17.02
N ALA A 563 10.00 -24.55 -18.23
CA ALA A 563 10.18 -25.51 -19.28
C ALA A 563 11.30 -25.00 -20.15
N LEU A 564 12.20 -25.90 -20.52
CA LEU A 564 13.35 -25.55 -21.37
C LEU A 564 13.15 -26.39 -22.61
N LEU A 565 13.42 -25.82 -23.77
CA LEU A 565 13.26 -26.58 -24.99
C LEU A 565 14.55 -26.37 -25.72
N ASP A 566 15.49 -27.30 -25.62
CA ASP A 566 16.69 -27.04 -26.37
C ASP A 566 16.39 -27.31 -27.81
N ALA A 567 16.17 -26.19 -28.49
CA ALA A 567 15.83 -26.15 -29.89
C ALA A 567 16.99 -26.52 -30.80
N PRO A 568 16.81 -27.58 -31.58
CA PRO A 568 17.76 -28.15 -32.57
C PRO A 568 18.31 -27.13 -33.60
N GLY A 572 18.92 -20.87 -30.29
CA GLY A 572 19.40 -21.52 -29.02
C GLY A 572 18.31 -22.10 -28.14
N PRO A 573 18.58 -22.34 -26.85
CA PRO A 573 17.52 -22.90 -25.99
C PRO A 573 16.36 -21.92 -25.74
N ILE A 574 15.15 -22.47 -25.55
CA ILE A 574 13.93 -21.68 -25.31
C ILE A 574 13.37 -21.95 -23.92
N MET A 575 13.01 -20.89 -23.21
CA MET A 575 12.46 -21.05 -21.86
C MET A 575 11.12 -20.33 -21.69
N THR A 576 10.36 -20.77 -20.70
CA THR A 576 9.07 -20.19 -20.39
C THR A 576 8.75 -20.56 -18.96
N VAL A 577 8.42 -19.57 -18.15
CA VAL A 577 8.10 -19.88 -16.77
C VAL A 577 6.67 -19.52 -16.45
N ALA A 578 6.07 -20.23 -15.51
CA ALA A 578 4.70 -19.97 -15.11
C ALA A 578 4.61 -20.12 -13.62
N ASN A 579 3.90 -19.23 -12.95
CA ASN A 579 3.73 -19.35 -11.51
C ASN A 579 2.30 -19.69 -11.28
N ILE A 580 2.07 -20.82 -10.63
CA ILE A 580 0.72 -21.23 -10.39
C ILE A 580 0.25 -20.97 -8.98
N PRO A 581 -0.69 -20.03 -8.81
CA PRO A 581 -1.21 -19.77 -7.47
C PRO A 581 -2.42 -20.73 -7.20
N LEU A 582 -2.25 -21.67 -6.28
CA LEU A 582 -3.31 -22.61 -5.97
C LEU A 582 -4.31 -21.89 -5.05
N SER A 583 -5.59 -21.91 -5.41
CA SER A 583 -6.64 -21.20 -4.66
C SER A 583 -7.10 -21.74 -3.33
N THR A 584 -7.60 -20.86 -2.46
CA THR A 584 -8.16 -21.26 -1.16
C THR A 584 -9.66 -21.02 -1.28
N PRO A 585 -10.47 -21.70 -0.47
CA PRO A 585 -11.91 -21.44 -0.64
C PRO A 585 -12.23 -19.99 -0.32
N GLU A 586 -13.31 -19.49 -0.91
CA GLU A 586 -13.76 -18.13 -0.69
C GLU A 586 -14.88 -18.02 0.34
N LEU A 587 -14.60 -17.36 1.44
CA LEU A 587 -15.57 -17.21 2.53
C LEU A 587 -16.88 -16.60 2.05
N LEU A 588 -17.98 -17.12 2.61
CA LEU A 588 -19.33 -16.65 2.35
C LEU A 588 -19.64 -15.76 3.52
N VAL A 589 -19.58 -14.46 3.26
CA VAL A 589 -19.85 -13.51 4.32
C VAL A 589 -21.24 -12.91 4.01
N GLN A 590 -22.12 -12.97 5.02
CA GLN A 590 -23.49 -12.47 4.90
C GLN A 590 -23.95 -11.78 6.18
N VAL A 591 -24.55 -10.61 6.05
CA VAL A 591 -25.05 -9.95 7.23
C VAL A 591 -26.42 -9.46 6.79
N PRO A 592 -27.41 -10.38 6.81
CA PRO A 592 -28.81 -10.21 6.43
C PRO A 592 -29.71 -9.14 7.12
N GLY A 593 -30.70 -8.67 6.35
CA GLY A 593 -31.62 -7.66 6.83
C GLY A 593 -31.02 -6.27 6.84
N LYS A 594 -31.87 -5.25 6.82
CA LYS A 594 -31.44 -3.84 6.85
C LYS A 594 -30.49 -3.48 8.02
N ALA A 595 -29.40 -2.81 7.69
CA ALA A 595 -28.42 -2.42 8.69
C ALA A 595 -28.66 -0.99 9.05
N VAL A 596 -28.58 -0.69 10.34
CA VAL A 596 -28.79 0.66 10.85
C VAL A 596 -27.74 1.01 11.88
N VAL A 597 -27.23 2.25 11.86
CA VAL A 597 -26.19 2.70 12.81
C VAL A 597 -26.60 2.48 14.25
N TRP A 598 -25.64 2.00 15.04
CA TRP A 598 -25.86 1.73 16.46
C TRP A 598 -26.99 0.76 16.73
N GLU A 599 -27.32 -0.05 15.74
CA GLU A 599 -28.38 -1.05 15.83
C GLU A 599 -27.68 -2.41 15.67
N PRO A 600 -27.76 -3.24 16.70
CA PRO A 600 -27.16 -4.58 16.72
C PRO A 600 -27.53 -5.47 15.56
N LEU A 601 -26.52 -6.01 14.87
CA LEU A 601 -26.77 -6.91 13.75
C LEU A 601 -25.86 -8.13 13.82
N THR A 602 -26.19 -9.16 13.04
CA THR A 602 -25.44 -10.42 12.97
C THR A 602 -24.93 -10.74 11.56
N ALA A 603 -23.61 -10.94 11.51
CA ALA A 603 -22.86 -11.28 10.31
C ALA A 603 -22.55 -12.76 10.40
N TYR A 604 -22.61 -13.42 9.24
CA TYR A 604 -22.41 -14.86 9.13
C TYR A 604 -21.35 -15.25 8.13
N VAL A 605 -20.33 -15.98 8.58
CA VAL A 605 -19.31 -16.41 7.65
C VAL A 605 -19.25 -17.94 7.66
N SER A 606 -19.03 -18.54 6.49
CA SER A 606 -19.01 -19.98 6.37
C SER A 606 -18.23 -20.52 5.16
N PHE A 607 -17.64 -21.70 5.28
CA PHE A 607 -16.92 -22.31 4.15
C PHE A 607 -16.81 -23.81 4.34
N THR A 608 -16.28 -24.49 3.34
CA THR A 608 -16.11 -25.93 3.40
C THR A 608 -14.66 -26.33 3.26
N ASN A 609 -14.14 -27.07 4.22
CA ASN A 609 -12.78 -27.55 4.19
C ASN A 609 -12.49 -28.29 2.86
N PRO A 610 -11.62 -27.74 2.01
CA PRO A 610 -11.30 -28.40 0.72
C PRO A 610 -10.16 -29.42 0.94
N LEU A 611 -9.65 -29.44 2.17
CA LEU A 611 -8.57 -30.32 2.55
C LEU A 611 -9.09 -31.64 3.15
N PRO A 612 -8.51 -32.75 2.71
CA PRO A 612 -8.93 -34.04 3.25
C PRO A 612 -8.20 -34.25 4.58
N VAL A 613 -7.99 -33.15 5.29
CA VAL A 613 -7.30 -33.17 6.57
C VAL A 613 -8.10 -32.28 7.49
N PRO A 614 -8.06 -32.55 8.79
CA PRO A 614 -8.84 -31.64 9.65
C PRO A 614 -7.95 -30.39 9.83
N LEU A 615 -8.55 -29.21 10.01
CA LEU A 615 -7.76 -28.00 10.26
C LEU A 615 -8.09 -27.61 11.67
N LYS A 616 -7.09 -27.28 12.44
CA LYS A 616 -7.42 -26.89 13.78
C LYS A 616 -6.76 -25.58 14.01
N GLY A 617 -7.21 -24.90 15.06
CA GLY A 617 -6.70 -23.58 15.36
C GLY A 617 -7.45 -22.55 14.54
N GLY A 618 -8.61 -22.96 13.99
CA GLY A 618 -9.43 -22.11 13.16
C GLY A 618 -9.86 -20.85 13.85
N VAL A 619 -9.44 -19.69 13.32
CA VAL A 619 -9.78 -18.36 13.84
C VAL A 619 -10.33 -17.52 12.70
N PHE A 620 -11.45 -16.83 12.94
CA PHE A 620 -12.01 -15.95 11.95
C PHE A 620 -11.73 -14.58 12.58
N THR A 621 -11.29 -13.60 11.77
CA THR A 621 -11.05 -12.24 12.29
C THR A 621 -11.90 -11.33 11.43
N LEU A 622 -12.72 -10.47 12.04
CA LEU A 622 -13.60 -9.60 11.27
C LEU A 622 -13.36 -8.12 11.51
N GLU A 623 -13.45 -7.31 10.46
CA GLU A 623 -13.27 -5.88 10.62
C GLU A 623 -13.86 -5.11 9.46
N GLY A 624 -14.14 -3.83 9.70
CA GLY A 624 -14.68 -2.98 8.65
C GLY A 624 -14.65 -1.53 9.08
N ALA A 625 -14.11 -0.63 8.24
CA ALA A 625 -14.07 0.81 8.55
C ALA A 625 -15.52 1.15 8.75
N GLY A 626 -15.85 1.77 9.89
CA GLY A 626 -17.24 2.14 10.12
C GLY A 626 -18.19 1.04 10.54
N LEU A 627 -17.77 -0.23 10.47
CA LEU A 627 -18.59 -1.38 10.90
C LEU A 627 -18.05 -1.91 12.25
N LEU A 628 -16.82 -2.44 12.28
CA LEU A 628 -16.18 -2.90 13.51
C LEU A 628 -14.68 -2.99 13.45
N SER A 629 -14.06 -2.90 14.61
CA SER A 629 -12.62 -3.07 14.69
C SER A 629 -12.29 -4.57 14.70
N ALA A 630 -11.15 -4.97 14.14
CA ALA A 630 -10.80 -6.40 14.07
C ALA A 630 -11.31 -7.16 15.27
N THR A 631 -12.04 -8.24 15.00
CA THR A 631 -12.63 -9.05 16.05
C THR A 631 -12.49 -10.52 15.71
N GLN A 632 -12.12 -11.33 16.68
CA GLN A 632 -11.95 -12.76 16.43
C GLN A 632 -13.03 -13.74 16.89
N ILE A 633 -13.23 -14.79 16.10
CA ILE A 633 -14.16 -15.88 16.41
C ILE A 633 -13.33 -17.15 16.32
N HIS A 634 -13.09 -17.81 17.45
CA HIS A 634 -12.31 -19.04 17.42
C HIS A 634 -13.22 -20.23 17.23
N VAL A 635 -12.96 -21.02 16.17
CA VAL A 635 -13.72 -22.22 15.91
C VAL A 635 -13.38 -23.18 17.03
N ASN A 636 -14.38 -23.61 17.79
CA ASN A 636 -14.11 -24.53 18.89
C ASN A 636 -14.15 -25.96 18.35
N GLY A 637 -12.98 -26.56 18.29
CA GLY A 637 -12.87 -27.90 17.74
C GLY A 637 -11.97 -27.88 16.53
N ALA A 638 -12.14 -28.85 15.63
CA ALA A 638 -11.31 -28.92 14.44
C ALA A 638 -12.26 -29.24 13.30
N VAL A 639 -12.06 -28.53 12.20
CA VAL A 639 -12.94 -28.73 11.07
C VAL A 639 -12.57 -30.03 10.40
N ALA A 640 -13.54 -30.92 10.30
CA ALA A 640 -13.26 -32.20 9.67
C ALA A 640 -12.90 -32.07 8.20
N PRO A 641 -12.16 -33.06 7.67
CA PRO A 641 -11.78 -33.02 6.26
C PRO A 641 -13.04 -32.82 5.43
N SER A 642 -13.01 -31.88 4.49
CA SER A 642 -14.18 -31.62 3.65
C SER A 642 -15.44 -31.21 4.43
N GLY A 643 -15.27 -30.74 5.66
CA GLY A 643 -16.43 -30.34 6.44
C GLY A 643 -16.72 -28.85 6.39
N LYS A 644 -17.99 -28.47 6.47
CA LYS A 644 -18.36 -27.06 6.44
C LYS A 644 -18.22 -26.37 7.81
N VAL A 645 -17.60 -25.19 7.80
CA VAL A 645 -17.38 -24.37 8.99
C VAL A 645 -18.37 -23.23 8.96
N SER A 646 -18.85 -22.84 10.12
CA SER A 646 -19.83 -21.75 10.14
C SER A 646 -19.89 -21.03 11.45
N VAL A 647 -19.52 -19.74 11.46
CA VAL A 647 -19.57 -18.89 12.67
C VAL A 647 -20.44 -17.67 12.37
N LYS A 648 -20.55 -16.81 13.39
CA LYS A 648 -21.30 -15.59 13.27
C LYS A 648 -20.92 -14.71 14.43
N LEU A 649 -21.07 -13.41 14.25
CA LEU A 649 -20.68 -12.43 15.26
C LEU A 649 -21.80 -11.37 15.29
N SER A 650 -22.03 -10.74 16.43
CA SER A 650 -23.03 -9.69 16.48
C SER A 650 -22.30 -8.42 16.74
N PHE A 651 -22.77 -7.31 16.16
CA PHE A 651 -22.13 -6.02 16.39
C PHE A 651 -23.03 -4.89 15.88
N SER A 652 -22.73 -3.66 16.28
CA SER A 652 -23.54 -2.50 15.88
C SER A 652 -22.71 -1.51 15.06
N PRO A 653 -23.02 -1.36 13.75
CA PRO A 653 -22.22 -0.43 12.97
C PRO A 653 -21.93 0.89 13.72
N MET A 654 -20.84 1.55 13.36
CA MET A 654 -20.47 2.76 14.04
C MET A 654 -20.80 4.00 13.22
N ARG A 655 -20.64 3.91 11.91
CA ARG A 655 -20.95 5.04 11.05
C ARG A 655 -21.86 4.57 9.92
N THR A 656 -22.55 5.52 9.32
CA THR A 656 -23.46 5.19 8.27
C THR A 656 -22.72 5.20 6.95
N GLY A 657 -23.33 4.66 5.90
CA GLY A 657 -22.66 4.63 4.61
C GLY A 657 -22.55 3.27 3.95
N VAL A 658 -21.99 3.25 2.74
CA VAL A 658 -21.77 1.99 2.04
C VAL A 658 -20.44 1.45 2.59
N ARG A 659 -20.50 0.39 3.38
CA ARG A 659 -19.29 -0.12 4.00
C ARG A 659 -19.00 -1.53 3.58
N LYS A 660 -17.76 -1.94 3.80
CA LYS A 660 -17.31 -3.27 3.43
C LYS A 660 -16.81 -4.07 4.67
N LEU A 661 -17.30 -5.31 4.81
CA LEU A 661 -16.93 -6.15 5.94
C LEU A 661 -15.93 -7.14 5.42
N LEU A 662 -14.78 -7.14 6.09
CA LEU A 662 -13.64 -7.99 5.71
C LEU A 662 -13.40 -9.14 6.70
N VAL A 663 -13.07 -10.31 6.16
CA VAL A 663 -12.83 -11.46 6.99
C VAL A 663 -11.66 -12.33 6.50
N ASP A 664 -10.88 -12.75 7.50
CA ASP A 664 -9.74 -13.63 7.32
C ASP A 664 -9.91 -14.93 8.13
N PHE A 665 -9.48 -16.05 7.57
CA PHE A 665 -9.51 -17.34 8.27
C PHE A 665 -8.16 -18.05 8.20
N ASP A 666 -7.64 -18.42 9.37
CA ASP A 666 -6.38 -19.16 9.43
C ASP A 666 -6.50 -20.44 10.25
N SER A 667 -5.73 -21.44 9.85
CA SER A 667 -5.75 -22.72 10.52
C SER A 667 -4.38 -23.29 10.27
N ASP A 668 -4.08 -24.41 10.92
CA ASP A 668 -2.77 -25.08 10.78
C ASP A 668 -2.49 -25.49 9.33
N ARG A 669 -3.45 -26.15 8.70
CA ARG A 669 -3.31 -26.60 7.34
C ARG A 669 -3.92 -25.72 6.26
N LEU A 670 -4.85 -24.84 6.64
CA LEU A 670 -5.48 -23.91 5.68
C LEU A 670 -5.18 -22.49 6.08
N LYS A 671 -4.37 -21.84 5.24
CA LYS A 671 -3.98 -20.47 5.51
C LYS A 671 -4.30 -19.61 4.33
N ASP A 672 -4.46 -18.31 4.58
CA ASP A 672 -4.71 -17.32 3.52
C ASP A 672 -6.14 -17.51 2.99
N VAL A 673 -7.12 -17.46 3.87
CA VAL A 673 -8.49 -17.60 3.41
C VAL A 673 -9.31 -16.33 3.71
N LYS A 674 -9.82 -15.68 2.65
CA LYS A 674 -10.58 -14.43 2.78
C LYS A 674 -12.01 -14.36 2.25
N GLY A 675 -12.63 -13.23 2.61
CA GLY A 675 -13.99 -12.90 2.22
C GLY A 675 -14.28 -11.43 2.52
N VAL A 676 -15.19 -10.83 1.72
CA VAL A 676 -15.66 -9.43 1.84
C VAL A 676 -17.11 -9.37 1.42
N THR A 677 -17.84 -8.46 2.03
CA THR A 677 -19.22 -8.31 1.66
C THR A 677 -19.43 -6.83 1.80
N THR A 678 -20.41 -6.32 1.05
CA THR A 678 -20.82 -4.91 1.07
C THR A 678 -22.10 -4.82 1.90
N VAL A 679 -22.09 -3.93 2.87
CA VAL A 679 -23.23 -3.71 3.73
C VAL A 679 -23.55 -2.20 3.76
N VAL A 680 -24.74 -1.80 3.28
CA VAL A 680 -25.15 -0.40 3.31
C VAL A 680 -25.74 -0.03 4.69
N VAL A 681 -25.01 0.81 5.46
CA VAL A 681 -25.47 1.20 6.78
C VAL A 681 -26.37 2.46 6.71
N HIS A 682 -27.59 2.30 7.21
CA HIS A 682 -28.57 3.36 7.16
C HIS A 682 -28.73 4.10 8.45
N LYS A 683 -29.59 5.08 8.27
CA LYS A 683 -30.13 5.96 9.26
C LYS A 683 -29.96 7.42 9.14
N LYS A 684 -30.92 7.91 8.37
CA LYS A 684 -31.22 9.29 8.01
C LYS A 684 -31.41 10.12 9.30
S SO4 B . -4.57 9.16 -13.24
O1 SO4 B . -3.21 9.25 -13.48
O2 SO4 B . -4.89 10.03 -12.18
O3 SO4 B . -5.11 9.70 -14.39
O4 SO4 B . -4.95 7.76 -13.10
#